data_6PZ9
#
_entry.id   6PZ9
#
_cell.length_a   1.00
_cell.length_b   1.00
_cell.length_c   1.00
_cell.angle_alpha   90.00
_cell.angle_beta   90.00
_cell.angle_gamma   90.00
#
_symmetry.space_group_name_H-M   'P 1'
#
loop_
_entity.id
_entity.type
_entity.pdbx_description
1 polymer 'ATP-binding cassette sub-family C member 8'
2 polymer 'ATP-sensitive inward rectifier potassium channel 11'
3 non-polymer Repaglinide
4 non-polymer "ADENOSINE-5'-TRIPHOSPHATE"
#
loop_
_entity_poly.entity_id
_entity_poly.type
_entity_poly.pdbx_seq_one_letter_code
_entity_poly.pdbx_strand_id
1 'polypeptide(L)'
;MPLAFCGTENHSAAYRVDQGVLNNGCFVDALNVVPHVFLLFITFPILFIGWGSQSSKVHIHHSTWLHFPGHNLRWILTFI
LLFVLVCEIAEGILSDGVTESRHLHLYMPAGMAFMAAITSVVYYHNIETSNFPKLLIALLIYWTLAFITKTIKFVKFYDH
AIGFSQLRFCLTGLLVILYGMLLLVEVNVIRVRRYIFFKTPREVKPPEDLQDLGVRFLQPFVNLLSKGTYWWMNAFIKTA
HKKPIDLRAIAKLPIAMRALTNYQRLCVAFDAQARKDTQSPQGARAIWRALCHAFGRRLILSSTFRILADLLGFAGPLCI
FGIVDHLGKENHVFQPKTQFLGVYFVSSQEFLGNAYVLAVLLFLALLLQRTFLQASYYVAIETGINLRGAIQTKIYNKIM
HMSTSNLSMGEMTAGQICNLVAIDTNQLMWFFFLCPNLWTMPVQIIVGVILLYYILGVSALIGAAVIILLAPVQYFVATK
LSQAQRTTLEHSNERLKQTNEMLRGMKLLKLYAWESIFCSRVEVTRRKEMTSLRAFAVYTSISIFMNTAIPIAAVLITFV
GHVSFFKESDLSPSVAFASLSLFHILVTPLFLLSSVVRSTVKALVSVQKLSEFLSSAEIREEQCAPREPAPQGQAGKYQA
VPLKVVNRKRPAREEVRDLLGPLQRLAPSMDGDADNFCVQIIGGFFTWTPDGIPTLSNITIRIPRGQLTMIVGQVGCGKS
SLLLATLGEMQKVSGAVFWNSNLPDSEGEDPSSPERETAAGSDIRSRGPVAYASQKPWLLNATVEENITFESPFNKQRYK
MVIEACSLQPDIDILPHGDQTQIGERGINLSGGQRQRISVARALYQQTNVVFLDDPFSALDVHLSDHLMQAGILELLRDD
KRTVVLVTHKLQYLPHADWIIAMKDGTIQREGTLKDFQRSECQLFEHWKTLMNRQDQELEKETVMERKASEPSQGLPRAM
SSRDGLLLDEEEEEEEAAESEEDDNLSSVLHQRAKIPWRACTKYLSSAGILLLSLLVFSQLLKHMVLVAIDYWLAKWTDS
ALVLSPAARNCSLSQECDLDQSVYAMVFTLLCSLGIVLCLVTSVTVEWTGLKVAKRLHRSLLNRIILAPMRFFETTPLGS
ILNRFSSDCNTIDQHIPSTLECLSRSTLLCVSALTVISYVTPVFLVALLPLAVVCYFIQKYFRVASRDLQQLDDTTQLPL
VSHFAETVEGLTTIRAFRYEARFQQKLLEYTDSNNIASLFLTAANRWLEVCMEYIGACVVLIAAATSISNSLHRELSAGL
VGLGLTYALMVSNYLNWMVRNLADMEIQLGAVKRIHALLKTEAESYEGLLAPSLIPKNWPDQGKIQIQNLSVRYDSSLKP
VLKHVNTLISPGQKIGICGRTGSGKSSFSLAFFRMVDMFEGRIIIDGIDIAKLPLHTLRSRLSIILQDPVLFSGTIRFNL
DPEKKCSDSTLWEALEIAQLKLVVKALPGGLDAIITEGGENFSQGQRQLFCLARAFVRKTSIFIMDEATASIDMATENIL
QKVVMTAFADRTVVTIAHRVHTILSADLVMVLKRGAILEFDKPETLLSQKDSVFASFVRADK
;
C
2 'polypeptide(L)'
;MLSRKGIIPEEYVLTRLAEDPTEPRYRTRERRARFVSKKGNCNVAHKNIREQGRFLQDVFTTLVDLKWPHTLLIFTMSFL
CSWLLFAMVWWLIAFAHGDLAPGEGTNVPCVTSIHSFSSAFLFSIEVQVTIGFGGRMVTEECPLAILILIVQNIVGLMIN
AIMLGCIFMKTAQAHRRAETLIFSKHAVITPRHGRLCFMLRVGDLRKSMIISATIHMQVVRKTTSPEGEVVPLHQVDIPM
ENGVGGNSIFLVAPLIIYHVIDSNSPLYDLAPSDLHHHQDLEIIVILEGVVETTGITTQARTSYLADEILWGQRFVPIVA
EEDGRYSVDYSKFGNTVKVPTPLCTARQLDEDRSLLDALTLASSRGPLRKRSVAVAKAKPKFSISPDSLS
;
D
#
loop_
_chem_comp.id
_chem_comp.type
_chem_comp.name
_chem_comp.formula
ATP non-polymer ADENOSINE-5'-TRIPHOSPHATE 'C10 H16 N5 O13 P3'
BJX non-polymer Repaglinide 'C27 H36 N2 O4'
#
# COMPACT_ATOMS: atom_id res chain seq x y z
N VAL A 222 5.80 0.85 36.83
CA VAL A 222 6.60 -0.36 36.85
C VAL A 222 7.98 0.00 37.36
N ASN A 223 8.50 -0.75 38.33
CA ASN A 223 9.79 -0.42 38.92
C ASN A 223 10.95 -1.03 38.15
N LEU A 224 12.17 -0.69 38.57
CA LEU A 224 13.39 -1.15 37.90
C LEU A 224 13.60 -2.64 38.02
N LEU A 225 13.01 -3.27 39.02
CA LEU A 225 13.09 -4.70 39.16
C LEU A 225 12.32 -5.40 38.04
N SER A 226 11.18 -4.83 37.64
CA SER A 226 10.33 -5.41 36.61
C SER A 226 10.31 -4.69 35.29
N LYS A 227 10.83 -3.47 35.19
CA LYS A 227 10.84 -2.82 33.87
C LYS A 227 11.93 -3.36 32.98
N GLY A 228 12.95 -4.00 33.55
CA GLY A 228 14.08 -4.48 32.80
C GLY A 228 13.83 -5.87 32.27
N THR A 229 12.89 -6.56 32.88
CA THR A 229 12.43 -7.86 32.43
C THR A 229 11.06 -7.80 31.77
N TYR A 230 10.42 -6.62 31.74
CA TYR A 230 9.11 -6.36 31.14
C TYR A 230 8.06 -7.28 31.74
N TRP A 231 8.01 -7.31 33.06
CA TRP A 231 7.09 -8.21 33.75
C TRP A 231 5.63 -7.84 33.51
N TRP A 232 5.35 -6.58 33.19
CA TRP A 232 3.99 -6.12 32.98
C TRP A 232 3.38 -6.66 31.71
N MET A 233 4.18 -7.22 30.80
CA MET A 233 3.68 -7.88 29.59
C MET A 233 2.95 -9.18 29.89
N ASN A 234 3.32 -9.84 30.98
CA ASN A 234 2.78 -11.17 31.25
C ASN A 234 1.29 -11.13 31.54
N ALA A 235 0.77 -10.01 32.01
CA ALA A 235 -0.66 -9.90 32.18
C ALA A 235 -1.32 -9.40 30.93
N PHE A 236 -0.54 -8.92 29.99
CA PHE A 236 -1.10 -8.50 28.73
C PHE A 236 -1.10 -9.63 27.71
N ILE A 237 -0.11 -10.54 27.77
CA ILE A 237 -0.11 -11.64 26.81
C ILE A 237 -0.99 -12.78 27.25
N LYS A 238 -1.26 -12.93 28.54
CA LYS A 238 -2.20 -13.98 28.91
C LYS A 238 -3.64 -13.58 28.64
N THR A 239 -3.93 -12.29 28.52
CA THR A 239 -5.29 -11.97 28.15
C THR A 239 -5.45 -12.00 26.64
N ALA A 240 -4.41 -11.58 25.93
CA ALA A 240 -4.36 -11.61 24.48
C ALA A 240 -4.47 -13.01 23.90
N HIS A 241 -4.30 -14.06 24.70
CA HIS A 241 -4.52 -15.40 24.19
C HIS A 241 -6.00 -15.77 24.22
N LYS A 242 -6.72 -15.37 25.27
CA LYS A 242 -8.10 -15.80 25.38
C LYS A 242 -8.98 -15.00 24.43
N LYS A 243 -8.99 -13.69 24.59
CA LYS A 243 -9.66 -12.76 23.71
C LYS A 243 -8.73 -12.38 22.57
N PRO A 244 -9.20 -11.61 21.60
CA PRO A 244 -8.26 -10.93 20.70
C PRO A 244 -7.86 -9.57 21.23
N ILE A 245 -6.96 -8.89 20.51
CA ILE A 245 -6.51 -7.55 20.86
C ILE A 245 -7.23 -6.56 19.97
N ASP A 246 -8.10 -5.78 20.55
CA ASP A 246 -8.64 -4.61 19.88
C ASP A 246 -7.76 -3.41 20.25
N LEU A 247 -8.11 -2.25 19.72
CA LEU A 247 -7.46 -1.03 20.19
C LEU A 247 -7.96 -0.63 21.56
N ARG A 248 -9.12 -1.14 21.98
CA ARG A 248 -9.59 -0.94 23.33
C ARG A 248 -8.88 -1.83 24.34
N ALA A 249 -8.16 -2.86 23.89
CA ALA A 249 -7.36 -3.65 24.82
C ALA A 249 -5.98 -3.04 25.03
N ILE A 250 -5.28 -2.75 23.94
CA ILE A 250 -4.02 -2.02 23.99
C ILE A 250 -4.37 -0.57 23.72
N ALA A 251 -4.72 0.18 24.77
CA ALA A 251 -5.40 1.46 24.60
C ALA A 251 -4.63 2.65 25.15
N LYS A 252 -4.25 2.64 26.43
CA LYS A 252 -3.78 3.87 27.05
C LYS A 252 -2.35 4.16 26.61
N LEU A 253 -2.04 5.44 26.52
CA LEU A 253 -0.73 5.87 26.05
C LEU A 253 -0.24 7.01 26.93
N PRO A 254 0.87 6.83 27.65
CA PRO A 254 1.19 7.73 28.75
C PRO A 254 1.66 9.09 28.31
N ILE A 255 2.02 9.90 29.30
CA ILE A 255 2.30 11.31 29.07
C ILE A 255 3.61 11.47 28.34
N ALA A 256 4.59 10.64 28.66
CA ALA A 256 5.91 10.80 28.08
C ALA A 256 5.96 10.33 26.63
N MET A 257 5.11 9.37 26.25
CA MET A 257 5.14 8.79 24.93
C MET A 257 4.05 9.36 24.02
N ARG A 258 3.56 10.55 24.31
CA ARG A 258 2.59 11.15 23.42
C ARG A 258 3.27 11.80 22.21
N ALA A 259 2.47 12.00 21.17
CA ALA A 259 2.97 12.76 20.03
C ALA A 259 3.00 14.24 20.35
N LEU A 260 2.02 14.73 21.09
CA LEU A 260 1.98 16.14 21.44
C LEU A 260 3.10 16.54 22.38
N THR A 261 3.42 15.67 23.35
CA THR A 261 4.44 15.99 24.35
C THR A 261 5.82 16.05 23.72
N ASN A 262 6.13 15.07 22.88
CA ASN A 262 7.39 15.10 22.16
C ASN A 262 7.43 16.23 21.16
N TYR A 263 6.29 16.62 20.61
CA TYR A 263 6.24 17.78 19.74
C TYR A 263 6.47 19.06 20.52
N GLN A 264 5.97 19.12 21.75
CA GLN A 264 6.26 20.28 22.59
C GLN A 264 7.73 20.31 22.95
N ARG A 265 8.33 19.14 23.18
CA ARG A 265 9.76 19.09 23.43
C ARG A 265 10.55 19.52 22.20
N LEU A 266 10.09 19.16 21.02
CA LEU A 266 10.82 19.52 19.81
C LEU A 266 10.66 20.99 19.45
N CYS A 267 9.52 21.59 19.78
CA CYS A 267 9.39 23.04 19.62
C CYS A 267 10.31 23.80 20.55
N VAL A 268 10.43 23.34 21.79
CA VAL A 268 11.36 23.93 22.76
C VAL A 268 12.78 23.87 22.23
N ALA A 269 13.14 22.76 21.59
CA ALA A 269 14.49 22.58 21.06
C ALA A 269 14.78 23.56 19.93
N PHE A 270 13.83 23.75 19.01
CA PHE A 270 14.05 24.69 17.93
C PHE A 270 13.98 26.13 18.41
N ASP A 271 13.13 26.41 19.40
CA ASP A 271 13.05 27.75 19.97
C ASP A 271 14.34 28.12 20.69
N ALA A 272 14.86 27.21 21.52
CA ALA A 272 16.10 27.47 22.23
C ALA A 272 17.28 27.50 21.29
N GLN A 273 17.18 26.82 20.15
CA GLN A 273 18.20 26.99 19.14
C GLN A 273 18.06 28.33 18.46
N ALA A 274 16.83 28.69 18.06
CA ALA A 274 16.60 29.96 17.35
C ALA A 274 16.75 31.17 18.26
N ARG A 275 16.72 30.98 19.57
CA ARG A 275 17.24 31.99 20.47
C ARG A 275 18.77 32.00 20.44
N LYS A 276 19.37 30.81 20.54
CA LYS A 276 20.83 30.73 20.55
C LYS A 276 21.42 31.04 19.19
N ASP A 277 20.78 30.57 18.12
CA ASP A 277 21.36 30.72 16.78
C ASP A 277 21.04 32.10 16.24
N THR A 278 22.09 32.90 16.03
CA THR A 278 21.96 34.08 15.21
C THR A 278 21.76 33.69 13.75
N GLN A 279 22.41 32.63 13.31
CA GLN A 279 22.17 32.10 11.98
C GLN A 279 20.82 31.39 11.95
N SER A 280 19.91 31.90 11.12
CA SER A 280 18.49 31.61 11.31
C SER A 280 18.06 30.18 10.96
N PRO A 281 18.14 29.71 9.71
CA PRO A 281 17.14 28.74 9.22
C PRO A 281 17.34 27.34 9.77
N GLN A 282 16.28 26.56 9.64
CA GLN A 282 16.28 25.17 10.08
C GLN A 282 16.87 24.30 8.96
N GLY A 283 18.19 24.44 8.79
CA GLY A 283 18.93 23.58 7.90
C GLY A 283 19.19 22.24 8.56
N ALA A 284 19.84 21.36 7.79
CA ALA A 284 20.09 20.01 8.27
C ALA A 284 21.03 19.99 9.46
N ARG A 285 21.94 20.96 9.55
CA ARG A 285 22.71 21.15 10.77
C ARG A 285 21.82 21.54 11.94
N ALA A 286 20.83 22.39 11.71
CA ALA A 286 19.98 22.85 12.80
C ALA A 286 19.02 21.79 13.32
N ILE A 287 18.56 20.88 12.47
CA ILE A 287 17.69 19.81 12.95
C ILE A 287 18.43 18.82 13.84
N TRP A 288 19.64 18.42 13.45
CA TRP A 288 20.41 17.46 14.23
C TRP A 288 20.81 18.02 15.59
N ARG A 289 21.15 19.30 15.67
CA ARG A 289 21.37 19.92 16.98
C ARG A 289 20.09 19.93 17.80
N ALA A 290 18.94 20.14 17.14
CA ALA A 290 17.67 20.15 17.86
C ALA A 290 17.29 18.76 18.35
N LEU A 291 17.50 17.75 17.53
CA LEU A 291 17.21 16.38 17.93
C LEU A 291 18.14 15.91 19.06
N CYS A 292 19.43 16.24 18.97
CA CYS A 292 20.37 15.91 20.03
C CYS A 292 20.02 16.56 21.35
N HIS A 293 19.71 17.85 21.34
CA HIS A 293 19.38 18.52 22.59
C HIS A 293 18.06 18.02 23.18
N ALA A 294 17.16 17.49 22.36
CA ALA A 294 15.88 16.96 22.83
C ALA A 294 15.92 15.48 23.17
N PHE A 295 16.77 14.70 22.51
CA PHE A 295 16.76 13.26 22.68
C PHE A 295 18.12 12.70 23.07
N GLY A 296 19.04 13.55 23.53
CA GLY A 296 20.31 13.04 23.98
C GLY A 296 20.24 12.27 25.28
N ARG A 297 19.44 12.75 26.23
CA ARG A 297 19.41 12.17 27.57
C ARG A 297 18.77 10.77 27.59
N ARG A 298 18.08 10.39 26.54
CA ARG A 298 17.62 9.01 26.41
C ARG A 298 18.42 8.23 25.40
N LEU A 299 19.29 8.86 24.65
CA LEU A 299 20.10 8.08 23.74
C LEU A 299 21.38 7.65 24.40
N ILE A 300 21.89 8.48 25.31
CA ILE A 300 23.02 8.11 26.14
C ILE A 300 22.67 6.95 27.05
N LEU A 301 21.44 6.87 27.54
CA LEU A 301 21.10 5.72 28.37
C LEU A 301 20.87 4.45 27.56
N SER A 302 20.81 4.54 26.24
CA SER A 302 20.78 3.35 25.43
C SER A 302 22.10 3.07 24.74
N SER A 303 23.07 3.97 24.84
CA SER A 303 24.41 3.62 24.39
C SER A 303 25.31 3.20 25.54
N THR A 304 25.08 3.75 26.75
CA THR A 304 25.73 3.27 27.95
C THR A 304 25.33 1.84 28.28
N PHE A 305 24.03 1.56 28.25
CA PHE A 305 23.61 0.18 28.44
C PHE A 305 24.07 -0.70 27.29
N ARG A 306 24.25 -0.15 26.10
CA ARG A 306 24.72 -0.99 25.02
C ARG A 306 26.22 -1.27 25.14
N ILE A 307 27.01 -0.33 25.65
CA ILE A 307 28.43 -0.60 25.83
C ILE A 307 28.64 -1.60 26.95
N LEU A 308 27.86 -1.50 28.01
CA LEU A 308 27.96 -2.47 29.10
C LEU A 308 27.39 -3.82 28.72
N ALA A 309 26.35 -3.88 27.91
CA ALA A 309 25.86 -5.18 27.47
C ALA A 309 26.88 -5.90 26.60
N ASP A 310 27.55 -5.16 25.74
CA ASP A 310 28.58 -5.74 24.92
C ASP A 310 29.82 -6.13 25.74
N LEU A 311 30.30 -5.25 26.65
CA LEU A 311 31.50 -5.57 27.43
C LEU A 311 31.30 -6.72 28.39
N LEU A 312 30.15 -6.78 29.06
CA LEU A 312 29.86 -7.93 29.88
C LEU A 312 29.69 -9.17 29.01
N GLY A 313 29.24 -8.97 27.78
CA GLY A 313 29.21 -10.05 26.80
C GLY A 313 30.58 -10.64 26.52
N PHE A 314 31.61 -9.79 26.54
CA PHE A 314 33.00 -10.23 26.37
C PHE A 314 33.45 -11.19 27.46
N ALA A 315 32.95 -11.02 28.69
CA ALA A 315 33.30 -11.93 29.78
C ALA A 315 32.94 -13.39 29.47
N GLY A 316 31.89 -13.61 28.67
CA GLY A 316 31.47 -14.94 28.26
C GLY A 316 32.54 -15.77 27.55
N PRO A 317 33.25 -15.18 26.58
CA PRO A 317 34.40 -15.88 26.00
C PRO A 317 35.53 -16.13 26.99
N LEU A 318 35.84 -15.14 27.83
CA LEU A 318 36.86 -15.28 28.85
C LEU A 318 36.58 -16.44 29.81
N CYS A 319 35.32 -16.61 30.21
CA CYS A 319 34.95 -17.71 31.09
C CYS A 319 35.14 -19.08 30.44
N ILE A 320 34.88 -19.20 29.15
CA ILE A 320 35.10 -20.46 28.44
C ILE A 320 36.58 -20.84 28.47
N PHE A 321 37.45 -19.85 28.34
CA PHE A 321 38.89 -20.07 28.44
C PHE A 321 39.27 -20.62 29.81
N GLY A 322 38.70 -20.05 30.87
CA GLY A 322 38.99 -20.54 32.21
C GLY A 322 38.48 -21.93 32.52
N ILE A 323 37.29 -22.28 32.01
CA ILE A 323 36.68 -23.59 32.30
C ILE A 323 37.53 -24.73 31.77
N VAL A 324 38.01 -24.58 30.55
CA VAL A 324 38.70 -25.70 29.92
C VAL A 324 40.14 -25.79 30.40
N ASP A 325 40.74 -24.70 30.87
CA ASP A 325 42.09 -24.77 31.41
C ASP A 325 42.12 -25.57 32.69
N HIS A 326 41.24 -25.27 33.63
CA HIS A 326 41.13 -26.06 34.84
C HIS A 326 40.35 -27.35 34.66
N LEU A 327 40.19 -27.83 33.43
CA LEU A 327 39.69 -29.16 33.17
C LEU A 327 40.75 -29.95 32.41
N GLY A 328 40.86 -31.24 32.71
CA GLY A 328 41.82 -32.08 32.01
C GLY A 328 43.21 -31.95 32.59
N LYS A 329 43.84 -33.09 32.86
CA LYS A 329 45.09 -33.20 33.64
C LYS A 329 44.93 -32.51 34.99
N GLU A 330 43.96 -33.03 35.76
CA GLU A 330 43.58 -32.56 37.10
C GLU A 330 43.20 -31.08 37.11
N VAL A 346 44.05 -13.65 47.18
CA VAL A 346 44.92 -14.80 46.97
C VAL A 346 44.06 -16.05 46.88
N SER A 347 43.18 -16.22 47.88
CA SER A 347 42.12 -17.21 47.77
C SER A 347 41.09 -16.83 46.71
N SER A 348 41.05 -15.55 46.32
CA SER A 348 40.20 -15.07 45.23
C SER A 348 40.77 -15.43 43.87
N GLN A 349 42.09 -15.41 43.71
CA GLN A 349 42.70 -15.91 42.48
C GLN A 349 42.43 -17.41 42.31
N GLU A 350 42.34 -18.15 43.39
CA GLU A 350 41.94 -19.55 43.32
C GLU A 350 40.43 -19.73 43.22
N PHE A 351 39.66 -18.71 43.58
CA PHE A 351 38.21 -18.74 43.42
C PHE A 351 37.85 -18.77 41.94
N LEU A 352 38.59 -18.01 41.13
CA LEU A 352 38.50 -18.06 39.69
C LEU A 352 39.50 -19.03 39.10
N GLY A 353 39.86 -20.04 39.86
CA GLY A 353 40.70 -21.10 39.37
C GLY A 353 39.90 -22.36 39.24
N ASN A 354 38.58 -22.22 39.15
CA ASN A 354 37.68 -23.35 39.21
C ASN A 354 36.93 -23.49 37.90
N ALA A 355 36.09 -24.51 37.83
CA ALA A 355 35.15 -24.67 36.74
C ALA A 355 33.72 -24.81 37.20
N TYR A 356 33.48 -25.18 38.46
CA TYR A 356 32.15 -25.05 39.04
C TYR A 356 31.84 -23.59 39.37
N VAL A 357 32.79 -22.90 39.98
CA VAL A 357 32.62 -21.51 40.38
C VAL A 357 32.62 -20.58 39.18
N LEU A 358 33.44 -20.90 38.18
CA LEU A 358 33.50 -20.06 36.99
C LEU A 358 32.26 -20.17 36.11
N ALA A 359 31.56 -21.30 36.14
CA ALA A 359 30.29 -21.37 35.44
C ALA A 359 29.25 -20.46 36.07
N VAL A 360 29.20 -20.40 37.40
CA VAL A 360 28.23 -19.56 38.09
C VAL A 360 28.52 -18.09 37.83
N LEU A 361 29.79 -17.70 37.83
CA LEU A 361 30.01 -16.30 37.50
C LEU A 361 30.01 -16.08 35.99
N LEU A 362 29.93 -17.14 35.19
CA LEU A 362 29.50 -17.00 33.81
C LEU A 362 28.00 -16.84 33.70
N PHE A 363 27.26 -17.65 34.43
CA PHE A 363 25.80 -17.60 34.41
C PHE A 363 25.27 -16.31 34.95
N LEU A 364 25.81 -15.85 36.06
CA LEU A 364 25.35 -14.63 36.67
C LEU A 364 26.06 -13.41 36.13
N ALA A 365 26.80 -13.56 35.02
CA ALA A 365 27.10 -12.42 34.16
C ALA A 365 26.35 -12.44 32.85
N LEU A 366 25.90 -13.59 32.37
CA LEU A 366 25.07 -13.56 31.17
C LEU A 366 23.69 -13.00 31.46
N LEU A 367 23.20 -13.15 32.69
CA LEU A 367 21.96 -12.49 33.07
C LEU A 367 22.08 -10.98 33.05
N LEU A 368 23.29 -10.44 33.08
CA LEU A 368 23.46 -9.00 32.88
C LEU A 368 23.76 -8.62 31.45
N GLN A 369 24.34 -9.52 30.65
CA GLN A 369 24.46 -9.21 29.22
C GLN A 369 23.08 -9.16 28.59
N ARG A 370 22.20 -10.03 29.01
CA ARG A 370 20.93 -10.28 28.38
C ARG A 370 19.81 -9.43 28.94
N THR A 371 20.06 -8.70 30.01
CA THR A 371 19.12 -7.72 30.51
C THR A 371 19.49 -6.31 30.12
N PHE A 372 20.77 -5.97 30.15
CA PHE A 372 21.23 -4.67 29.65
C PHE A 372 21.06 -4.52 28.14
N LEU A 373 21.21 -5.60 27.39
CA LEU A 373 21.02 -5.54 25.94
C LEU A 373 19.59 -5.15 25.60
N GLN A 374 18.63 -5.74 26.31
CA GLN A 374 17.22 -5.45 26.07
C GLN A 374 16.85 -4.06 26.52
N ALA A 375 17.34 -3.67 27.70
CA ALA A 375 17.14 -2.31 28.19
C ALA A 375 17.65 -1.29 27.19
N SER A 376 18.74 -1.58 26.51
CA SER A 376 19.21 -0.64 25.51
C SER A 376 18.58 -0.84 24.15
N TYR A 377 18.13 -2.05 23.82
CA TYR A 377 17.19 -2.20 22.72
C TYR A 377 15.94 -1.36 22.91
N TYR A 378 15.28 -1.49 24.06
CA TYR A 378 13.99 -0.82 24.23
C TYR A 378 14.11 0.69 24.28
N VAL A 379 15.10 1.22 24.99
CA VAL A 379 15.25 2.68 25.08
C VAL A 379 15.50 3.27 23.71
N ALA A 380 16.25 2.57 22.86
CA ALA A 380 16.45 3.03 21.50
C ALA A 380 15.13 3.06 20.74
N ILE A 381 14.31 2.00 20.89
CA ILE A 381 13.02 1.95 20.20
C ILE A 381 12.09 3.01 20.73
N GLU A 382 12.02 3.15 22.05
CA GLU A 382 11.11 4.11 22.66
C GLU A 382 11.50 5.53 22.26
N THR A 383 12.79 5.84 22.25
CA THR A 383 13.21 7.15 21.75
C THR A 383 12.98 7.25 20.25
N GLY A 384 13.25 6.17 19.52
CA GLY A 384 13.03 6.18 18.08
C GLY A 384 11.58 6.34 17.69
N ILE A 385 10.68 5.65 18.39
CA ILE A 385 9.25 5.76 18.12
C ILE A 385 8.77 7.17 18.41
N ASN A 386 9.33 7.81 19.43
CA ASN A 386 8.99 9.19 19.74
C ASN A 386 9.34 10.14 18.60
N LEU A 387 10.47 9.93 17.92
CA LEU A 387 10.74 10.72 16.72
C LEU A 387 9.71 10.51 15.63
N ARG A 388 9.16 9.31 15.48
CA ARG A 388 8.05 9.16 14.56
C ARG A 388 6.92 10.09 14.99
N GLY A 389 6.66 10.13 16.31
CA GLY A 389 5.58 10.95 16.82
C GLY A 389 5.78 12.44 16.61
N ALA A 390 6.92 12.96 17.03
CA ALA A 390 7.14 14.39 16.91
C ALA A 390 7.81 14.87 15.63
N ILE A 391 7.90 14.06 14.58
CA ILE A 391 8.26 14.58 13.27
C ILE A 391 7.07 14.56 12.33
N GLN A 392 6.22 13.53 12.43
CA GLN A 392 4.96 13.51 11.71
C GLN A 392 4.06 14.66 12.11
N THR A 393 4.10 15.07 13.37
CA THR A 393 3.42 16.29 13.76
C THR A 393 4.10 17.50 13.13
N LYS A 394 5.42 17.63 13.33
CA LYS A 394 6.14 18.80 12.85
C LYS A 394 6.24 18.84 11.33
N ILE A 395 6.02 17.72 10.65
CA ILE A 395 5.72 17.78 9.23
C ILE A 395 4.31 18.34 9.01
N TYR A 396 3.34 17.81 9.75
CA TYR A 396 1.94 18.15 9.54
C TYR A 396 1.67 19.60 9.90
N ASN A 397 2.37 20.12 10.90
CA ASN A 397 2.20 21.52 11.26
C ASN A 397 2.68 22.47 10.17
N LYS A 398 3.51 22.03 9.22
CA LYS A 398 3.75 22.89 8.06
C LYS A 398 2.74 22.65 6.95
N ILE A 399 2.13 21.46 6.89
CA ILE A 399 1.03 21.25 5.94
C ILE A 399 -0.12 22.18 6.26
N MET A 400 -0.31 22.50 7.53
CA MET A 400 -1.17 23.60 7.94
C MET A 400 -0.63 24.98 7.57
N HIS A 401 0.56 25.13 7.00
CA HIS A 401 1.02 26.45 6.61
C HIS A 401 1.62 26.48 5.22
N MET A 402 1.43 25.43 4.41
CA MET A 402 2.02 25.44 3.09
C MET A 402 1.14 26.24 2.14
N SER A 403 1.79 26.94 1.21
CA SER A 403 1.10 27.73 0.21
C SER A 403 0.78 26.87 -1.00
N THR A 404 -0.46 26.93 -1.47
CA THR A 404 -0.92 26.14 -2.61
C THR A 404 -0.67 26.85 -3.93
N SER A 405 0.56 27.30 -4.14
CA SER A 405 0.86 27.97 -5.39
C SER A 405 1.12 26.94 -6.49
N ASN A 406 1.20 27.42 -7.72
CA ASN A 406 1.66 26.57 -8.81
C ASN A 406 3.17 26.37 -8.76
N LEU A 407 3.88 27.19 -8.02
CA LEU A 407 5.30 26.96 -7.79
C LEU A 407 5.50 25.84 -6.78
N SER A 408 5.00 26.02 -5.56
CA SER A 408 5.29 25.10 -4.48
C SER A 408 4.45 23.83 -4.58
N MET A 409 3.12 23.96 -4.58
CA MET A 409 2.28 22.79 -4.69
C MET A 409 2.33 22.17 -6.08
N GLY A 410 2.73 22.94 -7.09
CA GLY A 410 2.91 22.37 -8.42
C GLY A 410 4.15 21.49 -8.49
N GLU A 411 5.20 21.87 -7.78
CA GLU A 411 6.41 21.05 -7.74
C GLU A 411 6.20 19.79 -6.92
N MET A 412 5.89 19.95 -5.64
CA MET A 412 5.69 18.83 -4.74
C MET A 412 4.20 18.57 -4.56
N THR A 413 3.76 17.39 -4.96
CA THR A 413 2.36 17.02 -4.84
C THR A 413 2.15 16.32 -3.51
N ALA A 414 1.00 15.66 -3.36
CA ALA A 414 0.77 14.86 -2.17
C ALA A 414 1.60 13.59 -2.17
N GLY A 415 1.92 13.04 -3.34
CA GLY A 415 2.76 11.86 -3.40
C GLY A 415 4.18 12.09 -2.91
N GLN A 416 4.71 13.29 -3.11
CA GLN A 416 6.05 13.59 -2.63
C GLN A 416 6.08 13.68 -1.11
N ILE A 417 5.15 14.44 -0.53
CA ILE A 417 5.07 14.65 0.90
C ILE A 417 4.53 13.42 1.64
N CYS A 418 3.83 12.52 0.96
CA CYS A 418 3.39 11.31 1.64
C CYS A 418 4.54 10.35 1.84
N ASN A 419 5.43 10.26 0.85
CA ASN A 419 6.61 9.44 1.01
C ASN A 419 7.66 10.10 1.88
N LEU A 420 7.52 11.39 2.19
CA LEU A 420 8.30 11.95 3.28
C LEU A 420 7.81 11.38 4.61
N VAL A 421 6.50 11.37 4.83
CA VAL A 421 5.95 10.78 6.05
C VAL A 421 6.14 9.27 6.06
N ALA A 422 5.85 8.61 4.95
CA ALA A 422 5.90 7.15 4.97
C ALA A 422 7.33 6.63 4.86
N ILE A 423 7.96 6.88 3.71
CA ILE A 423 9.27 6.28 3.45
C ILE A 423 10.36 6.98 4.24
N ASP A 424 10.44 8.29 4.13
CA ASP A 424 11.55 9.05 4.69
C ASP A 424 11.58 9.03 6.21
N THR A 425 10.45 9.29 6.86
CA THR A 425 10.41 9.39 8.32
C THR A 425 10.76 8.06 8.98
N ASN A 426 10.34 6.94 8.37
CA ASN A 426 10.72 5.62 8.88
C ASN A 426 12.23 5.41 8.82
N GLN A 427 12.89 5.88 7.77
CA GLN A 427 14.32 5.66 7.71
C GLN A 427 15.10 6.70 8.49
N LEU A 428 14.42 7.69 9.06
CA LEU A 428 15.01 8.50 10.11
C LEU A 428 14.66 7.97 11.49
N MET A 429 13.48 7.36 11.63
CA MET A 429 13.19 6.59 12.82
C MET A 429 14.17 5.44 12.99
N TRP A 430 14.40 4.68 11.91
CA TRP A 430 15.33 3.55 11.96
C TRP A 430 16.75 3.96 12.17
N PHE A 431 17.11 5.21 11.89
CA PHE A 431 18.43 5.65 12.30
C PHE A 431 18.51 5.75 13.81
N PHE A 432 17.45 6.17 14.46
CA PHE A 432 17.57 6.17 15.90
C PHE A 432 17.33 4.81 16.51
N PHE A 433 16.87 3.83 15.73
CA PHE A 433 16.90 2.46 16.22
C PHE A 433 18.32 1.90 16.19
N LEU A 434 19.14 2.37 15.25
CA LEU A 434 20.49 1.89 15.03
C LEU A 434 21.52 2.92 15.44
N CYS A 435 21.11 3.96 16.10
CA CYS A 435 22.06 4.98 16.50
C CYS A 435 23.08 4.50 17.54
N PRO A 436 22.78 3.67 18.54
CA PRO A 436 23.88 3.21 19.41
C PRO A 436 24.82 2.23 18.75
N ASN A 437 24.39 1.55 17.70
CA ASN A 437 25.22 0.51 17.10
C ASN A 437 26.43 1.09 16.40
N LEU A 438 26.30 2.27 15.80
CA LEU A 438 27.48 2.90 15.21
C LEU A 438 28.40 3.48 16.29
N TRP A 439 27.90 3.64 17.52
CA TRP A 439 28.78 3.92 18.65
C TRP A 439 29.37 2.65 19.24
N THR A 440 28.61 1.58 19.30
CA THR A 440 29.06 0.39 20.02
C THR A 440 29.96 -0.50 19.18
N MET A 441 29.57 -0.83 17.93
CA MET A 441 30.38 -1.68 17.03
C MET A 441 31.84 -1.25 16.88
N PRO A 442 32.26 0.03 16.97
CA PRO A 442 33.71 0.27 17.01
C PRO A 442 34.38 -0.23 18.28
N VAL A 443 33.68 -0.25 19.41
CA VAL A 443 34.27 -0.86 20.61
C VAL A 443 34.46 -2.36 20.40
N GLN A 444 33.48 -3.00 19.77
CA GLN A 444 33.48 -4.45 19.56
C GLN A 444 34.65 -4.88 18.71
N ILE A 445 34.95 -4.11 17.67
CA ILE A 445 36.12 -4.39 16.84
C ILE A 445 37.41 -4.24 17.63
N ILE A 446 37.53 -3.16 18.43
CA ILE A 446 38.76 -2.93 19.17
C ILE A 446 38.99 -3.99 20.24
N VAL A 447 37.98 -4.29 21.04
CA VAL A 447 38.17 -5.34 22.06
C VAL A 447 38.28 -6.70 21.38
N GLY A 448 37.50 -6.91 20.32
CA GLY A 448 37.55 -8.15 19.56
C GLY A 448 38.94 -8.43 19.00
N VAL A 449 39.60 -7.37 18.53
CA VAL A 449 41.01 -7.48 18.15
C VAL A 449 41.86 -7.84 19.36
N ILE A 450 41.70 -7.09 20.46
CA ILE A 450 42.56 -7.23 21.64
C ILE A 450 42.39 -8.58 22.33
N LEU A 451 41.15 -9.00 22.64
CA LEU A 451 40.99 -10.28 23.35
C LEU A 451 41.36 -11.47 22.48
N LEU A 452 41.00 -11.47 21.19
CA LEU A 452 41.41 -12.57 20.31
C LEU A 452 42.93 -12.64 20.24
N TYR A 453 43.59 -11.48 20.19
CA TYR A 453 45.06 -11.44 20.21
C TYR A 453 45.61 -12.02 21.50
N TYR A 454 45.04 -11.66 22.65
CA TYR A 454 45.51 -12.23 23.90
C TYR A 454 45.22 -13.74 23.98
N ILE A 455 44.06 -14.16 23.49
CA ILE A 455 43.76 -15.59 23.47
C ILE A 455 44.69 -16.35 22.53
N LEU A 456 44.90 -15.85 21.31
CA LEU A 456 45.63 -16.71 20.38
C LEU A 456 46.87 -16.07 19.76
N GLY A 457 46.87 -14.77 19.53
CA GLY A 457 48.15 -14.18 19.15
C GLY A 457 48.11 -13.26 17.97
N VAL A 458 49.25 -13.15 17.29
CA VAL A 458 49.36 -12.35 16.07
C VAL A 458 48.61 -13.03 14.93
N SER A 459 48.30 -14.33 15.08
CA SER A 459 47.43 -15.00 14.13
C SER A 459 46.00 -14.48 14.21
N ALA A 460 45.57 -14.00 15.38
CA ALA A 460 44.27 -13.36 15.48
C ALA A 460 44.20 -12.06 14.70
N LEU A 461 45.34 -11.36 14.59
CA LEU A 461 45.38 -10.17 13.77
C LEU A 461 45.17 -10.51 12.30
N ILE A 462 45.72 -11.64 11.84
CA ILE A 462 45.47 -12.07 10.47
C ILE A 462 44.04 -12.52 10.26
N GLY A 463 43.44 -13.16 11.27
CA GLY A 463 42.08 -13.64 11.12
C GLY A 463 41.01 -12.57 11.13
N ALA A 464 41.08 -11.64 12.07
CA ALA A 464 40.13 -10.54 12.13
C ALA A 464 40.35 -9.52 11.04
N ALA A 465 41.48 -9.57 10.34
CA ALA A 465 41.67 -8.81 9.12
C ALA A 465 40.81 -9.34 7.98
N VAL A 466 40.65 -10.66 7.87
CA VAL A 466 39.86 -11.24 6.78
C VAL A 466 38.37 -10.94 6.92
N ILE A 467 37.87 -10.72 8.14
CA ILE A 467 36.49 -10.27 8.23
C ILE A 467 36.39 -8.81 7.85
N ILE A 468 37.28 -7.98 8.40
CA ILE A 468 37.20 -6.56 8.18
C ILE A 468 37.63 -6.16 6.78
N LEU A 469 38.21 -7.07 6.01
CA LEU A 469 38.43 -6.86 4.60
C LEU A 469 37.41 -7.61 3.73
N LEU A 470 36.41 -8.23 4.35
CA LEU A 470 35.24 -8.74 3.63
C LEU A 470 33.95 -8.04 4.06
N ALA A 471 34.03 -7.11 5.00
CA ALA A 471 32.93 -6.21 5.30
C ALA A 471 32.64 -5.17 4.20
N PRO A 472 33.63 -4.58 3.50
CA PRO A 472 33.25 -3.71 2.36
C PRO A 472 32.64 -4.45 1.19
N VAL A 473 32.98 -5.73 0.98
CA VAL A 473 32.31 -6.49 -0.08
C VAL A 473 31.02 -7.09 0.44
N GLN A 474 30.78 -7.04 1.75
CA GLN A 474 29.42 -7.19 2.23
C GLN A 474 28.60 -5.96 1.91
N TYR A 475 29.25 -4.79 1.95
CA TYR A 475 28.56 -3.54 1.63
C TYR A 475 28.18 -3.44 0.16
N PHE A 476 29.07 -3.88 -0.74
CA PHE A 476 28.79 -3.77 -2.17
C PHE A 476 27.59 -4.60 -2.57
N VAL A 477 27.45 -5.79 -2.01
CA VAL A 477 26.29 -6.62 -2.31
C VAL A 477 25.03 -6.01 -1.70
N ALA A 478 25.16 -5.43 -0.50
CA ALA A 478 24.01 -4.78 0.11
C ALA A 478 23.65 -3.46 -0.58
N THR A 479 24.58 -2.90 -1.34
CA THR A 479 24.27 -1.71 -2.12
C THR A 479 23.59 -2.11 -3.42
N LYS A 480 24.15 -3.11 -4.09
CA LYS A 480 23.60 -3.60 -5.33
C LYS A 480 22.25 -4.27 -5.14
N LEU A 481 21.99 -4.84 -3.97
CA LEU A 481 20.66 -5.36 -3.69
C LEU A 481 19.61 -4.25 -3.69
N SER A 482 19.85 -3.19 -2.94
CA SER A 482 18.85 -2.13 -2.80
C SER A 482 18.70 -1.36 -4.11
N GLN A 483 19.75 -1.34 -4.92
CA GLN A 483 19.66 -0.82 -6.27
C GLN A 483 18.69 -1.64 -7.09
N ALA A 484 18.86 -2.96 -7.07
CA ALA A 484 17.95 -3.86 -7.78
C ALA A 484 16.56 -3.93 -7.15
N GLN A 485 16.44 -3.73 -5.84
CA GLN A 485 15.13 -3.80 -5.21
C GLN A 485 14.26 -2.59 -5.58
N ARG A 486 14.88 -1.42 -5.73
CA ARG A 486 14.15 -0.26 -6.23
C ARG A 486 13.66 -0.49 -7.65
N THR A 487 14.50 -1.11 -8.48
CA THR A 487 14.12 -1.48 -9.84
C THR A 487 12.90 -2.40 -9.86
N THR A 488 12.91 -3.45 -9.03
CA THR A 488 11.78 -4.39 -8.96
C THR A 488 10.51 -3.70 -8.48
N LEU A 489 10.63 -2.78 -7.52
CA LEU A 489 9.46 -2.08 -7.01
C LEU A 489 8.89 -1.12 -8.05
N GLU A 490 9.75 -0.31 -8.66
CA GLU A 490 9.27 0.60 -9.68
C GLU A 490 8.87 -0.09 -10.97
N HIS A 491 9.16 -1.38 -11.12
CA HIS A 491 8.69 -2.13 -12.26
C HIS A 491 7.32 -2.78 -12.01
N SER A 492 7.15 -3.42 -10.84
CA SER A 492 5.85 -4.01 -10.53
C SER A 492 4.80 -2.97 -10.18
N ASN A 493 5.22 -1.74 -9.84
CA ASN A 493 4.26 -0.66 -9.70
C ASN A 493 3.57 -0.38 -11.02
N GLU A 494 4.32 -0.40 -12.13
CA GLU A 494 3.71 -0.25 -13.45
C GLU A 494 2.84 -1.45 -13.80
N ARG A 495 3.22 -2.64 -13.33
CA ARG A 495 2.36 -3.82 -13.46
C ARG A 495 1.04 -3.64 -12.73
N LEU A 496 1.07 -3.10 -11.51
CA LEU A 496 -0.15 -2.92 -10.73
C LEU A 496 -1.10 -1.91 -11.34
N LYS A 497 -0.58 -0.91 -12.06
CA LYS A 497 -1.46 -0.02 -12.81
C LYS A 497 -2.13 -0.76 -13.95
N GLN A 498 -1.39 -1.62 -14.64
CA GLN A 498 -1.97 -2.45 -15.69
C GLN A 498 -2.98 -3.44 -15.13
N THR A 499 -2.70 -3.97 -13.94
CA THR A 499 -3.65 -4.89 -13.31
C THR A 499 -4.89 -4.15 -12.83
N ASN A 500 -4.73 -2.89 -12.44
CA ASN A 500 -5.88 -2.07 -12.06
C ASN A 500 -6.77 -1.79 -13.25
N GLU A 501 -6.19 -1.60 -14.43
CA GLU A 501 -7.00 -1.41 -15.63
C GLU A 501 -7.75 -2.69 -16.01
N MET A 502 -7.17 -3.85 -15.73
CA MET A 502 -7.86 -5.09 -16.07
C MET A 502 -8.98 -5.39 -15.09
N LEU A 503 -8.75 -5.18 -13.81
CA LEU A 503 -9.78 -5.49 -12.82
C LEU A 503 -10.89 -4.45 -12.80
N ARG A 504 -10.54 -3.16 -12.98
CA ARG A 504 -11.57 -2.13 -12.97
C ARG A 504 -12.40 -2.18 -14.25
N GLY A 505 -11.79 -2.57 -15.36
CA GLY A 505 -12.50 -2.67 -16.61
C GLY A 505 -12.63 -4.10 -17.07
N MET A 506 -12.93 -5.01 -16.14
CA MET A 506 -13.19 -6.38 -16.55
C MET A 506 -14.60 -6.54 -17.11
N LYS A 507 -15.49 -5.61 -16.82
CA LYS A 507 -16.86 -5.69 -17.32
C LYS A 507 -16.91 -5.51 -18.83
N LEU A 508 -16.36 -4.40 -19.32
CA LEU A 508 -16.35 -4.14 -20.75
C LEU A 508 -15.42 -5.09 -21.50
N LEU A 509 -14.35 -5.54 -20.87
CA LEU A 509 -13.42 -6.46 -21.52
C LEU A 509 -14.04 -7.84 -21.71
N LYS A 510 -14.77 -8.33 -20.72
CA LYS A 510 -15.35 -9.67 -20.84
C LYS A 510 -16.47 -9.70 -21.86
N LEU A 511 -17.23 -8.61 -21.98
CA LEU A 511 -18.32 -8.56 -22.94
C LEU A 511 -17.80 -8.45 -24.37
N TYR A 512 -16.65 -7.81 -24.57
CA TYR A 512 -16.06 -7.66 -25.89
C TYR A 512 -15.06 -8.76 -26.22
N ALA A 513 -15.03 -9.83 -25.41
CA ALA A 513 -14.09 -10.96 -25.53
C ALA A 513 -12.64 -10.49 -25.51
N TRP A 514 -12.34 -9.53 -24.66
CA TRP A 514 -11.00 -8.97 -24.55
C TRP A 514 -10.44 -9.14 -23.15
N GLU A 515 -10.57 -10.33 -22.58
CA GLU A 515 -9.84 -10.62 -21.35
C GLU A 515 -8.50 -11.25 -21.64
N SER A 516 -8.40 -12.04 -22.70
CA SER A 516 -7.15 -12.71 -23.03
C SER A 516 -6.10 -11.73 -23.52
N ILE A 517 -6.52 -10.63 -24.16
CA ILE A 517 -5.58 -9.68 -24.72
C ILE A 517 -4.84 -8.94 -23.62
N PHE A 518 -5.56 -8.41 -22.65
CA PHE A 518 -4.94 -7.74 -21.52
C PHE A 518 -4.22 -8.71 -20.59
N CYS A 519 -4.61 -9.99 -20.61
CA CYS A 519 -3.88 -10.99 -19.85
C CYS A 519 -2.46 -11.13 -20.38
N SER A 520 -2.31 -11.29 -21.69
CA SER A 520 -0.98 -11.38 -22.28
C SER A 520 -0.26 -10.04 -22.30
N ARG A 521 -0.94 -8.95 -21.98
CA ARG A 521 -0.25 -7.67 -21.83
C ARG A 521 0.37 -7.54 -20.44
N VAL A 522 -0.28 -8.09 -19.41
CA VAL A 522 0.30 -8.07 -18.07
C VAL A 522 1.32 -9.19 -17.87
N GLU A 523 1.23 -10.27 -18.64
CA GLU A 523 2.19 -11.36 -18.52
C GLU A 523 3.56 -10.99 -19.05
N VAL A 524 3.63 -10.17 -20.09
CA VAL A 524 4.92 -9.73 -20.59
C VAL A 524 5.54 -8.74 -19.62
N THR A 525 4.70 -7.94 -18.96
CA THR A 525 5.20 -7.11 -17.85
C THR A 525 5.69 -7.99 -16.70
N ARG A 526 5.07 -9.14 -16.49
CA ARG A 526 5.57 -10.08 -15.49
C ARG A 526 6.88 -10.73 -15.91
N ARG A 527 7.07 -10.97 -17.23
CA ARG A 527 8.36 -11.46 -17.73
C ARG A 527 9.47 -10.49 -17.39
N LYS A 528 9.24 -9.21 -17.63
CA LYS A 528 10.27 -8.22 -17.35
C LYS A 528 10.42 -8.00 -15.85
N GLU A 529 9.32 -8.13 -15.09
CA GLU A 529 9.44 -8.08 -13.64
C GLU A 529 10.13 -9.31 -13.08
N MET A 530 9.98 -10.47 -13.74
CA MET A 530 10.66 -11.67 -13.27
C MET A 530 12.16 -11.62 -13.54
N THR A 531 12.58 -11.02 -14.65
CA THR A 531 14.02 -10.86 -14.83
C THR A 531 14.60 -9.79 -13.92
N SER A 532 13.76 -8.91 -13.37
CA SER A 532 14.25 -7.96 -12.39
C SER A 532 14.29 -8.59 -11.00
N LEU A 533 13.33 -9.44 -10.68
CA LEU A 533 13.37 -10.17 -9.42
C LEU A 533 14.44 -11.26 -9.42
N ARG A 534 14.84 -11.75 -10.60
CA ARG A 534 15.98 -12.66 -10.67
C ARG A 534 17.26 -11.98 -10.21
N ALA A 535 17.47 -10.73 -10.62
CA ALA A 535 18.65 -10.01 -10.17
C ALA A 535 18.57 -9.69 -8.69
N PHE A 536 17.37 -9.47 -8.16
CA PHE A 536 17.19 -9.38 -6.73
C PHE A 536 17.58 -10.68 -6.04
N ALA A 537 17.21 -11.82 -6.64
CA ALA A 537 17.52 -13.10 -6.02
C ALA A 537 19.00 -13.44 -6.07
N VAL A 538 19.70 -13.04 -7.14
CA VAL A 538 21.13 -13.28 -7.26
C VAL A 538 21.91 -12.48 -6.22
N TYR A 539 21.58 -11.20 -6.07
CA TYR A 539 22.24 -10.38 -5.08
C TYR A 539 21.72 -10.57 -3.67
N THR A 540 20.80 -11.51 -3.43
CA THR A 540 20.43 -11.84 -2.06
C THR A 540 20.76 -13.27 -1.71
N SER A 541 21.24 -14.05 -2.67
CA SER A 541 21.86 -15.33 -2.37
C SER A 541 23.35 -15.20 -2.05
N ILE A 542 23.86 -13.97 -2.02
CA ILE A 542 25.24 -13.70 -1.67
C ILE A 542 25.27 -13.11 -0.26
N SER A 543 24.23 -12.34 0.07
CA SER A 543 24.15 -11.70 1.38
C SER A 543 24.09 -12.73 2.49
N ILE A 544 23.26 -13.75 2.29
CA ILE A 544 23.23 -14.90 3.19
C ILE A 544 24.58 -15.61 3.18
N PHE A 545 25.14 -15.79 1.98
CA PHE A 545 26.41 -16.50 1.80
C PHE A 545 27.58 -15.76 2.46
N MET A 546 27.68 -14.44 2.24
CA MET A 546 28.76 -13.66 2.83
C MET A 546 28.66 -13.64 4.34
N ASN A 547 27.43 -13.58 4.87
CA ASN A 547 27.23 -13.59 6.30
C ASN A 547 27.80 -14.86 6.94
N THR A 548 27.48 -16.03 6.38
CA THR A 548 28.02 -17.29 6.90
C THR A 548 29.47 -17.61 6.49
N ALA A 549 29.81 -17.50 5.20
CA ALA A 549 31.11 -17.99 4.72
C ALA A 549 32.29 -17.17 5.21
N ILE A 550 32.16 -15.85 5.23
CA ILE A 550 33.29 -14.98 5.58
C ILE A 550 33.85 -15.21 6.97
N PRO A 551 33.06 -15.43 8.05
CA PRO A 551 33.70 -15.78 9.32
C PRO A 551 34.42 -17.12 9.33
N ILE A 552 33.82 -18.16 8.75
CA ILE A 552 34.41 -19.49 8.75
C ILE A 552 35.75 -19.49 8.03
N ALA A 553 35.84 -18.80 6.90
CA ALA A 553 37.12 -18.65 6.22
C ALA A 553 38.09 -17.84 7.07
N ALA A 554 37.57 -16.85 7.80
CA ALA A 554 38.42 -16.08 8.71
C ALA A 554 38.95 -16.92 9.85
N VAL A 555 38.10 -17.76 10.44
CA VAL A 555 38.52 -18.62 11.56
C VAL A 555 39.56 -19.64 11.09
N LEU A 556 39.37 -20.22 9.92
CA LEU A 556 40.32 -21.19 9.39
C LEU A 556 41.63 -20.51 9.06
N ILE A 557 41.56 -19.28 8.57
CA ILE A 557 42.76 -18.48 8.32
C ILE A 557 43.50 -18.25 9.63
N THR A 558 42.77 -18.04 10.72
CA THR A 558 43.41 -17.80 12.01
C THR A 558 44.19 -19.02 12.48
N PHE A 559 43.51 -20.17 12.55
CA PHE A 559 44.11 -21.36 13.13
C PHE A 559 45.14 -22.03 12.22
N VAL A 560 44.84 -22.18 10.94
CA VAL A 560 45.80 -22.82 10.03
C VAL A 560 47.04 -21.95 9.90
N GLY A 561 46.85 -20.63 9.89
CA GLY A 561 47.99 -19.74 9.96
C GLY A 561 48.70 -19.88 11.29
N HIS A 562 47.94 -20.13 12.36
CA HIS A 562 48.57 -20.34 13.64
C HIS A 562 49.17 -21.75 13.73
N VAL A 563 48.89 -22.62 12.77
CA VAL A 563 49.48 -23.95 12.72
C VAL A 563 50.54 -24.07 11.61
N SER A 564 50.23 -23.59 10.42
CA SER A 564 51.21 -23.71 9.35
C SER A 564 52.33 -22.70 9.49
N PHE A 565 51.99 -21.42 9.65
CA PHE A 565 53.01 -20.38 9.61
C PHE A 565 53.88 -20.42 10.86
N PHE A 566 53.30 -20.22 12.04
CA PHE A 566 54.02 -20.49 13.28
C PHE A 566 53.08 -20.96 14.37
N LYS A 567 53.38 -22.15 14.90
CA LYS A 567 52.72 -22.71 16.07
C LYS A 567 53.71 -22.69 17.22
N GLU A 568 53.58 -21.70 18.10
CA GLU A 568 54.36 -21.65 19.32
C GLU A 568 53.53 -22.11 20.50
N SER A 569 52.41 -21.46 20.74
CA SER A 569 51.46 -21.85 21.78
C SER A 569 50.25 -22.44 21.06
N ASP A 570 50.33 -23.72 20.74
CA ASP A 570 49.37 -24.38 19.86
C ASP A 570 47.99 -24.47 20.51
N LEU A 571 47.04 -25.04 19.76
CA LEU A 571 45.63 -24.98 20.13
C LEU A 571 45.33 -25.94 21.27
N SER A 572 45.67 -25.51 22.47
CA SER A 572 45.10 -26.10 23.67
C SER A 572 43.60 -25.81 23.69
N PRO A 573 42.79 -26.70 24.30
CA PRO A 573 41.34 -26.54 24.19
C PRO A 573 40.80 -25.32 24.92
N SER A 574 41.52 -24.82 25.91
CA SER A 574 41.07 -23.60 26.56
C SER A 574 41.23 -22.39 25.64
N VAL A 575 42.18 -22.44 24.72
CA VAL A 575 42.38 -21.33 23.79
C VAL A 575 41.41 -21.41 22.62
N ALA A 576 41.31 -22.58 22.01
CA ALA A 576 40.53 -22.72 20.77
C ALA A 576 39.02 -22.65 20.98
N PHE A 577 38.48 -23.34 21.98
CA PHE A 577 37.03 -23.30 22.16
C PHE A 577 36.54 -22.00 22.76
N ALA A 578 37.42 -21.10 23.16
CA ALA A 578 37.08 -19.78 23.66
C ALA A 578 37.15 -18.71 22.58
N SER A 579 38.13 -18.77 21.71
CA SER A 579 38.20 -17.88 20.55
C SER A 579 37.27 -18.26 19.41
N LEU A 580 36.64 -19.44 19.42
CA LEU A 580 35.47 -19.60 18.55
C LEU A 580 34.34 -18.70 19.00
N SER A 581 34.15 -18.56 20.31
CA SER A 581 33.09 -17.70 20.81
C SER A 581 33.41 -16.25 20.59
N LEU A 582 34.69 -15.90 20.48
CA LEU A 582 35.04 -14.53 20.16
C LEU A 582 34.76 -14.21 18.70
N PHE A 583 35.00 -15.15 17.80
CA PHE A 583 34.53 -14.94 16.44
C PHE A 583 33.03 -15.07 16.33
N HIS A 584 32.43 -16.07 16.99
CA HIS A 584 30.98 -16.23 16.94
C HIS A 584 30.25 -15.03 17.51
N ILE A 585 30.90 -14.26 18.38
CA ILE A 585 30.36 -12.95 18.71
C ILE A 585 30.61 -12.01 17.53
N LEU A 586 31.88 -11.82 17.13
CA LEU A 586 32.12 -10.86 16.02
C LEU A 586 31.70 -11.34 14.64
N VAL A 587 31.00 -12.47 14.44
CA VAL A 587 30.24 -12.65 13.21
C VAL A 587 29.24 -11.50 13.09
N THR A 588 28.52 -11.25 14.17
CA THR A 588 27.31 -10.43 14.09
C THR A 588 27.57 -8.94 13.89
N PRO A 589 28.47 -8.26 14.65
CA PRO A 589 28.60 -6.80 14.41
C PRO A 589 29.19 -6.40 13.08
N LEU A 590 30.21 -7.09 12.58
CA LEU A 590 30.89 -6.62 11.39
C LEU A 590 30.04 -6.71 10.13
N PHE A 591 29.08 -7.63 10.07
CA PHE A 591 28.30 -7.78 8.85
C PHE A 591 26.94 -7.15 9.02
N LEU A 592 26.75 -6.53 10.16
CA LEU A 592 25.68 -5.63 10.46
C LEU A 592 26.19 -4.21 10.52
N LEU A 593 27.52 -4.03 10.54
CA LEU A 593 28.12 -2.71 10.42
C LEU A 593 27.98 -2.13 9.03
N SER A 594 27.96 -2.98 8.00
CA SER A 594 27.70 -2.51 6.65
C SER A 594 26.31 -1.89 6.55
N SER A 595 25.31 -2.56 7.11
CA SER A 595 23.97 -2.02 7.09
C SER A 595 23.68 -0.97 8.16
N VAL A 596 24.61 -0.65 9.05
CA VAL A 596 24.40 0.55 9.87
C VAL A 596 24.79 1.80 9.09
N VAL A 597 25.96 1.78 8.46
CA VAL A 597 26.50 2.93 7.73
C VAL A 597 25.59 3.26 6.54
N ARG A 598 24.95 2.23 6.00
CA ARG A 598 23.86 2.42 5.04
C ARG A 598 22.76 3.27 5.63
N SER A 599 22.31 2.92 6.83
CA SER A 599 21.22 3.65 7.44
C SER A 599 21.67 4.92 8.14
N THR A 600 22.96 5.24 8.13
CA THR A 600 23.37 6.59 8.48
C THR A 600 23.31 7.51 7.29
N VAL A 601 23.68 7.00 6.10
CA VAL A 601 23.58 7.76 4.86
C VAL A 601 22.14 8.16 4.59
N LYS A 602 21.20 7.24 4.80
CA LYS A 602 19.79 7.52 4.58
C LYS A 602 19.26 8.54 5.58
N ALA A 603 19.84 8.63 6.77
CA ALA A 603 19.43 9.65 7.70
C ALA A 603 19.94 11.01 7.28
N LEU A 604 21.15 11.07 6.73
CA LEU A 604 21.66 12.34 6.21
C LEU A 604 20.80 12.85 5.08
N VAL A 605 20.39 11.94 4.19
CA VAL A 605 19.48 12.25 3.09
C VAL A 605 18.12 12.72 3.63
N SER A 606 17.64 12.07 4.69
CA SER A 606 16.31 12.37 5.19
C SER A 606 16.22 13.74 5.81
N VAL A 607 17.27 14.20 6.49
CA VAL A 607 17.18 15.56 6.99
C VAL A 607 17.52 16.55 5.87
N GLN A 608 18.18 16.11 4.80
CA GLN A 608 18.21 16.95 3.60
C GLN A 608 16.82 17.08 3.01
N LYS A 609 16.10 15.96 2.89
CA LYS A 609 14.75 16.01 2.34
C LYS A 609 13.80 16.77 3.25
N LEU A 610 13.94 16.60 4.56
CA LEU A 610 13.03 17.28 5.45
C LEU A 610 13.35 18.75 5.62
N SER A 611 14.61 19.15 5.56
CA SER A 611 14.85 20.58 5.68
C SER A 611 14.53 21.34 4.40
N GLU A 612 14.71 20.70 3.24
CA GLU A 612 14.29 21.31 1.99
C GLU A 612 12.78 21.41 1.92
N PHE A 613 12.07 20.49 2.59
CA PHE A 613 10.63 20.65 2.74
C PHE A 613 10.30 21.75 3.73
N LEU A 614 10.95 21.75 4.89
CA LEU A 614 10.53 22.60 5.99
C LEU A 614 10.98 24.04 5.81
N SER A 615 11.45 24.42 4.63
CA SER A 615 11.62 25.82 4.29
C SER A 615 10.78 26.14 3.07
N SER A 616 9.52 25.69 3.07
CA SER A 616 8.59 26.01 2.00
C SER A 616 7.90 27.32 2.31
N ALA A 617 6.85 27.65 1.55
CA ALA A 617 6.20 28.95 1.63
C ALA A 617 5.09 28.94 2.68
N GLU A 618 5.22 29.81 3.67
CA GLU A 618 4.16 30.04 4.63
C GLU A 618 2.98 30.70 3.93
N ILE A 619 1.79 30.56 4.54
CA ILE A 619 0.60 31.16 3.96
C ILE A 619 0.68 32.68 4.00
N ARG A 620 0.71 33.24 5.21
CA ARG A 620 0.87 34.68 5.44
C ARG A 620 1.19 34.85 6.92
N GLU A 621 1.18 36.10 7.37
CA GLU A 621 1.36 36.40 8.78
C GLU A 621 0.36 37.46 9.22
N CYS A 678 -18.85 42.11 5.12
CA CYS A 678 -17.93 40.97 5.23
C CYS A 678 -16.55 41.30 4.65
N VAL A 679 -16.25 40.76 3.47
CA VAL A 679 -14.93 40.91 2.86
C VAL A 679 -14.87 42.24 2.11
N GLN A 680 -13.93 43.10 2.50
CA GLN A 680 -13.73 44.38 1.84
C GLN A 680 -12.28 44.49 1.43
N ILE A 681 -12.01 44.46 0.13
CA ILE A 681 -10.66 44.59 -0.41
C ILE A 681 -10.52 45.99 -0.97
N ILE A 682 -9.45 46.67 -0.61
CA ILE A 682 -9.33 48.06 -1.04
C ILE A 682 -8.45 48.17 -2.27
N GLY A 683 -7.17 47.84 -2.14
CA GLY A 683 -6.29 47.88 -3.28
C GLY A 683 -6.27 46.56 -4.00
N GLY A 684 -5.92 45.50 -3.27
CA GLY A 684 -6.03 44.15 -3.78
C GLY A 684 -5.02 43.72 -4.83
N PHE A 685 -3.73 43.85 -4.52
CA PHE A 685 -2.67 43.30 -5.36
C PHE A 685 -2.21 42.00 -4.74
N PHE A 686 -2.30 40.91 -5.50
CA PHE A 686 -2.07 39.59 -4.93
C PHE A 686 -1.57 38.65 -6.01
N THR A 687 -0.54 37.88 -5.67
CA THR A 687 0.19 37.07 -6.62
C THR A 687 0.27 35.64 -6.15
N TRP A 688 0.54 34.75 -7.11
CA TRP A 688 1.01 33.41 -6.77
C TRP A 688 2.52 33.27 -6.86
N THR A 689 3.17 34.13 -7.63
CA THR A 689 4.63 34.21 -7.58
C THR A 689 5.02 34.87 -6.26
N PRO A 690 5.89 34.24 -5.46
CA PRO A 690 6.26 34.83 -4.16
C PRO A 690 7.10 36.09 -4.25
N ASP A 691 7.53 36.50 -5.44
CA ASP A 691 8.04 37.84 -5.66
C ASP A 691 7.45 38.37 -6.95
N GLY A 692 6.77 39.51 -6.85
CA GLY A 692 6.30 40.23 -8.03
C GLY A 692 5.17 39.52 -8.77
N ILE A 693 4.79 40.13 -9.89
CA ILE A 693 3.81 39.65 -10.87
C ILE A 693 2.46 39.30 -10.23
N PRO A 694 1.64 40.29 -9.87
CA PRO A 694 0.30 39.97 -9.33
C PRO A 694 -0.62 39.41 -10.40
N THR A 695 -1.28 38.29 -10.07
CA THR A 695 -2.30 37.74 -10.94
C THR A 695 -3.63 38.48 -10.81
N LEU A 696 -3.85 39.14 -9.67
CA LEU A 696 -4.99 40.03 -9.48
C LEU A 696 -4.47 41.28 -8.78
N SER A 697 -4.50 42.41 -9.49
CA SER A 697 -4.18 43.70 -8.90
C SER A 697 -5.32 44.67 -9.16
N ASN A 698 -5.30 45.78 -8.43
CA ASN A 698 -6.36 46.81 -8.43
C ASN A 698 -7.73 46.21 -8.12
N ILE A 699 -7.75 45.21 -7.24
CA ILE A 699 -8.98 44.52 -6.87
C ILE A 699 -9.60 45.30 -5.71
N THR A 700 -10.64 46.08 -5.99
CA THR A 700 -11.35 46.85 -4.98
C THR A 700 -12.74 46.23 -4.82
N ILE A 701 -12.82 45.19 -4.01
CA ILE A 701 -14.06 44.44 -3.83
C ILE A 701 -14.66 44.80 -2.49
N ARG A 702 -15.97 45.01 -2.49
CA ARG A 702 -16.72 45.39 -1.30
C ARG A 702 -17.89 44.43 -1.17
N ILE A 703 -18.01 43.80 -0.01
CA ILE A 703 -19.09 42.84 0.18
C ILE A 703 -19.64 42.95 1.60
N PRO A 704 -20.44 43.97 1.91
CA PRO A 704 -20.95 44.10 3.29
C PRO A 704 -22.01 43.06 3.60
N ARG A 705 -22.30 42.93 4.89
CA ARG A 705 -23.07 41.83 5.44
C ARG A 705 -24.52 41.88 4.95
N GLY A 706 -25.21 40.75 5.13
CA GLY A 706 -26.58 40.61 4.68
C GLY A 706 -26.66 40.66 3.16
N GLN A 707 -26.18 39.64 2.48
CA GLN A 707 -25.83 39.77 1.08
C GLN A 707 -26.18 38.48 0.35
N LEU A 708 -26.14 38.54 -0.99
CA LEU A 708 -26.01 37.37 -1.85
C LEU A 708 -25.41 37.87 -3.15
N THR A 709 -24.24 37.36 -3.54
CA THR A 709 -23.44 37.94 -4.61
C THR A 709 -22.98 36.88 -5.60
N MET A 710 -23.35 37.03 -6.87
CA MET A 710 -22.77 36.18 -7.90
C MET A 710 -21.53 36.84 -8.46
N ILE A 711 -20.63 36.01 -8.99
CA ILE A 711 -19.43 36.51 -9.66
C ILE A 711 -19.35 35.83 -11.02
N VAL A 712 -19.38 36.61 -12.08
CA VAL A 712 -19.34 36.04 -13.43
C VAL A 712 -18.28 36.76 -14.26
N GLY A 713 -17.74 36.05 -15.23
CA GLY A 713 -16.69 36.58 -16.07
C GLY A 713 -16.14 35.49 -16.96
N GLN A 714 -15.09 35.84 -17.69
CA GLN A 714 -14.53 34.92 -18.67
C GLN A 714 -13.76 33.79 -17.98
N VAL A 715 -13.62 32.69 -18.72
CA VAL A 715 -12.92 31.51 -18.21
C VAL A 715 -11.44 31.83 -18.19
N GLY A 716 -10.94 32.23 -17.03
CA GLY A 716 -9.62 32.80 -16.91
C GLY A 716 -9.59 34.27 -16.59
N CYS A 717 -10.64 34.83 -15.98
CA CYS A 717 -10.68 36.23 -15.61
C CYS A 717 -10.23 36.52 -14.15
N GLY A 718 -9.54 35.62 -13.46
CA GLY A 718 -9.21 35.85 -12.07
C GLY A 718 -10.40 35.68 -11.15
N LYS A 719 -11.31 34.76 -11.47
CA LYS A 719 -12.53 34.60 -10.68
C LYS A 719 -12.40 33.57 -9.57
N SER A 720 -11.92 32.37 -9.89
CA SER A 720 -11.62 31.39 -8.85
C SER A 720 -10.50 31.89 -7.96
N SER A 721 -9.52 32.56 -8.55
CA SER A 721 -8.40 33.14 -7.81
C SER A 721 -8.85 34.22 -6.83
N LEU A 722 -9.88 35.00 -7.16
CA LEU A 722 -10.39 36.01 -6.24
C LEU A 722 -10.95 35.41 -4.97
N LEU A 723 -11.66 34.30 -5.07
CA LEU A 723 -12.23 33.68 -3.87
C LEU A 723 -11.16 33.11 -2.96
N LEU A 724 -10.15 32.44 -3.52
CA LEU A 724 -9.09 31.87 -2.68
C LEU A 724 -8.24 32.96 -2.03
N ALA A 725 -7.96 34.04 -2.77
CA ALA A 725 -7.28 35.18 -2.18
C ALA A 725 -8.14 35.85 -1.12
N THR A 726 -9.46 35.91 -1.34
CA THR A 726 -10.34 36.48 -0.33
C THR A 726 -10.35 35.65 0.94
N LEU A 727 -10.18 34.33 0.80
CA LEU A 727 -10.11 33.48 1.97
C LEU A 727 -8.78 33.60 2.70
N GLY A 728 -7.79 34.24 2.10
CA GLY A 728 -6.53 34.37 2.78
C GLY A 728 -5.57 33.26 2.43
N GLU A 729 -5.31 33.09 1.14
CA GLU A 729 -4.37 32.07 0.70
C GLU A 729 -3.41 32.57 -0.37
N MET A 730 -3.34 33.88 -0.62
CA MET A 730 -2.44 34.44 -1.61
C MET A 730 -1.87 35.74 -1.07
N GLN A 731 -0.66 36.07 -1.52
CA GLN A 731 0.17 37.06 -0.85
C GLN A 731 -0.24 38.46 -1.28
N LYS A 732 -0.78 39.23 -0.36
CA LYS A 732 -1.22 40.60 -0.66
C LYS A 732 0.00 41.48 -0.83
N VAL A 733 0.32 41.82 -2.08
CA VAL A 733 1.39 42.79 -2.32
C VAL A 733 0.97 44.18 -1.89
N SER A 734 -0.29 44.55 -2.12
CA SER A 734 -0.81 45.84 -1.68
C SER A 734 -2.30 45.70 -1.40
N GLY A 735 -2.80 46.63 -0.59
CA GLY A 735 -4.20 46.60 -0.17
C GLY A 735 -4.37 45.85 1.12
N ALA A 736 -5.62 45.55 1.44
CA ALA A 736 -5.96 44.72 2.58
C ALA A 736 -7.36 44.15 2.40
N VAL A 737 -7.61 43.02 3.04
CA VAL A 737 -8.91 42.36 3.04
C VAL A 737 -9.48 42.44 4.44
N PHE A 738 -10.59 43.12 4.60
CA PHE A 738 -11.12 43.40 5.92
C PHE A 738 -12.35 42.56 6.20
N TRP A 739 -12.86 42.70 7.42
CA TRP A 739 -13.74 41.69 7.97
C TRP A 739 -14.40 42.16 9.25
N ASN A 740 -15.73 42.05 9.33
CA ASN A 740 -16.43 42.04 10.62
C ASN A 740 -17.78 41.38 10.37
N SER A 741 -17.94 40.14 10.81
CA SER A 741 -19.15 39.37 10.55
C SER A 741 -19.45 38.50 11.77
N ASN A 742 -20.44 37.63 11.64
CA ASN A 742 -20.84 36.75 12.72
C ASN A 742 -20.23 35.37 12.55
N ARG A 765 -5.37 38.75 12.22
CA ARG A 765 -5.95 39.78 13.08
C ARG A 765 -7.20 39.23 13.75
N SER A 766 -8.29 39.20 13.00
CA SER A 766 -9.53 38.57 13.43
C SER A 766 -10.26 38.08 12.18
N ARG A 767 -10.33 36.77 12.02
CA ARG A 767 -10.76 36.16 10.78
C ARG A 767 -12.10 35.49 11.00
N GLY A 768 -12.58 34.81 9.97
CA GLY A 768 -13.88 34.18 10.03
C GLY A 768 -13.91 32.83 9.37
N PRO A 769 -14.61 31.87 9.98
CA PRO A 769 -14.79 30.57 9.34
C PRO A 769 -15.77 30.66 8.20
N VAL A 770 -15.36 30.15 7.04
CA VAL A 770 -16.06 30.37 5.77
C VAL A 770 -16.19 29.03 5.09
N ALA A 771 -17.40 28.66 4.68
CA ALA A 771 -17.57 27.47 3.89
C ALA A 771 -16.94 27.65 2.51
N TYR A 772 -16.52 26.54 1.92
CA TYR A 772 -15.79 26.59 0.65
C TYR A 772 -16.08 25.32 -0.12
N ALA A 773 -16.36 25.46 -1.41
CA ALA A 773 -16.41 24.32 -2.31
C ALA A 773 -15.35 24.53 -3.38
N SER A 774 -14.49 23.54 -3.56
CA SER A 774 -13.44 23.67 -4.54
C SER A 774 -14.00 23.37 -5.91
N GLN A 775 -13.33 23.87 -6.94
CA GLN A 775 -13.77 23.56 -8.29
C GLN A 775 -13.49 22.12 -8.63
N LYS A 776 -12.24 21.68 -8.47
CA LYS A 776 -11.96 20.26 -8.51
C LYS A 776 -12.44 19.72 -7.17
N PRO A 777 -13.49 18.91 -7.13
CA PRO A 777 -14.12 18.58 -5.86
C PRO A 777 -13.28 17.63 -5.05
N TRP A 778 -13.42 17.73 -3.73
CA TRP A 778 -12.64 16.93 -2.81
C TRP A 778 -13.55 16.13 -1.90
N LEU A 779 -13.28 14.85 -1.79
CA LEU A 779 -14.05 13.94 -0.97
C LEU A 779 -13.08 13.12 -0.13
N LEU A 780 -13.19 13.27 1.19
CA LEU A 780 -12.39 12.47 2.09
C LEU A 780 -12.86 11.02 2.09
N ASN A 781 -11.93 10.09 2.28
CA ASN A 781 -12.28 8.68 2.27
C ASN A 781 -13.04 8.33 3.54
N ALA A 782 -14.37 8.38 3.47
CA ALA A 782 -15.22 8.07 4.60
C ALA A 782 -16.57 7.59 4.06
N THR A 783 -17.55 7.53 4.95
CA THR A 783 -18.93 7.36 4.51
C THR A 783 -19.39 8.60 3.77
N VAL A 784 -20.32 8.40 2.83
CA VAL A 784 -20.86 9.53 2.07
C VAL A 784 -21.60 10.48 2.98
N GLU A 785 -22.37 9.94 3.93
CA GLU A 785 -22.92 10.74 5.01
C GLU A 785 -21.82 11.43 5.81
N GLU A 786 -20.76 10.69 6.15
CA GLU A 786 -19.67 11.27 6.90
C GLU A 786 -18.82 12.21 6.04
N ASN A 787 -18.75 12.00 4.74
CA ASN A 787 -18.14 13.00 3.88
C ASN A 787 -19.01 14.24 3.80
N ILE A 788 -20.32 14.08 3.97
CA ILE A 788 -21.23 15.21 3.95
C ILE A 788 -21.25 15.92 5.29
N THR A 789 -21.30 15.14 6.38
CA THR A 789 -21.35 15.73 7.72
C THR A 789 -20.07 16.47 8.06
N PHE A 790 -18.92 15.84 7.77
CA PHE A 790 -17.58 16.44 7.81
C PHE A 790 -17.23 16.91 9.23
N GLU A 791 -17.32 15.97 10.17
CA GLU A 791 -16.99 16.15 11.59
C GLU A 791 -17.76 17.33 12.19
N SER A 792 -19.07 17.21 12.13
CA SER A 792 -20.03 18.19 12.60
C SER A 792 -21.19 17.39 13.17
N PRO A 793 -21.95 17.93 14.13
CA PRO A 793 -22.97 17.11 14.79
C PRO A 793 -24.10 16.78 13.85
N PHE A 794 -24.42 15.49 13.77
CA PHE A 794 -25.40 14.98 12.83
C PHE A 794 -26.79 15.42 13.28
N ASN A 795 -27.49 16.12 12.40
CA ASN A 795 -28.88 16.51 12.63
C ASN A 795 -29.65 16.13 11.39
N LYS A 796 -30.44 15.06 11.48
CA LYS A 796 -31.01 14.41 10.31
C LYS A 796 -32.10 15.23 9.63
N GLN A 797 -32.48 16.40 10.15
CA GLN A 797 -33.38 17.25 9.39
C GLN A 797 -32.63 18.09 8.37
N ARG A 798 -31.49 18.66 8.76
CA ARG A 798 -30.63 19.37 7.82
C ARG A 798 -30.07 18.43 6.76
N TYR A 799 -29.65 17.23 7.18
CA TYR A 799 -29.14 16.22 6.24
C TYR A 799 -30.20 15.78 5.25
N LYS A 800 -31.44 15.60 5.71
CA LYS A 800 -32.54 15.22 4.82
C LYS A 800 -32.78 16.24 3.73
N MET A 801 -32.75 17.53 4.05
CA MET A 801 -32.94 18.56 3.05
C MET A 801 -31.80 18.57 2.02
N VAL A 802 -30.58 18.32 2.47
CA VAL A 802 -29.42 18.27 1.58
C VAL A 802 -29.48 17.08 0.63
N ILE A 803 -29.84 15.91 1.14
CA ILE A 803 -29.86 14.67 0.36
C ILE A 803 -30.85 14.76 -0.79
N GLU A 804 -32.04 15.27 -0.53
CA GLU A 804 -33.03 15.45 -1.60
C GLU A 804 -32.58 16.51 -2.60
N ALA A 805 -32.04 17.63 -2.12
CA ALA A 805 -31.72 18.77 -2.99
C ALA A 805 -30.63 18.44 -4.00
N CYS A 806 -29.58 17.76 -3.58
CA CYS A 806 -28.53 17.34 -4.51
C CYS A 806 -28.82 15.99 -5.13
N SER A 807 -30.01 15.42 -4.90
CA SER A 807 -30.45 14.12 -5.40
C SER A 807 -29.48 13.01 -4.98
N LEU A 808 -29.27 12.90 -3.68
CA LEU A 808 -28.37 11.87 -3.19
C LEU A 808 -29.07 10.53 -3.01
N GLN A 809 -30.40 10.49 -3.17
CA GLN A 809 -31.12 9.23 -3.12
C GLN A 809 -30.77 8.26 -4.25
N PRO A 810 -30.67 8.66 -5.54
CA PRO A 810 -30.18 7.69 -6.55
C PRO A 810 -28.76 7.25 -6.33
N ASP A 811 -27.91 8.11 -5.77
CA ASP A 811 -26.54 7.71 -5.47
C ASP A 811 -26.48 6.68 -4.37
N ILE A 812 -27.27 6.86 -3.31
CA ILE A 812 -27.33 5.90 -2.22
C ILE A 812 -27.88 4.55 -2.67
N ASP A 813 -28.95 4.55 -3.47
CA ASP A 813 -29.52 3.29 -3.95
C ASP A 813 -28.58 2.56 -4.91
N ILE A 814 -27.90 3.30 -5.79
CA ILE A 814 -26.96 2.67 -6.71
C ILE A 814 -25.68 2.22 -6.01
N LEU A 815 -25.39 2.78 -4.84
CA LEU A 815 -24.22 2.37 -4.08
C LEU A 815 -24.42 0.96 -3.53
N PRO A 816 -23.32 0.24 -3.26
CA PRO A 816 -23.46 -1.02 -2.53
C PRO A 816 -23.91 -0.85 -1.08
N HIS A 817 -23.81 0.35 -0.52
CA HIS A 817 -24.10 0.55 0.89
C HIS A 817 -24.99 1.75 1.18
N GLY A 818 -25.07 2.73 0.29
CA GLY A 818 -25.85 3.92 0.56
C GLY A 818 -25.11 4.96 1.37
N ASP A 819 -25.68 5.35 2.51
CA ASP A 819 -25.02 6.33 3.36
C ASP A 819 -23.77 5.77 4.03
N GLN A 820 -23.63 4.45 4.11
CA GLN A 820 -22.43 3.83 4.65
C GLN A 820 -21.34 3.60 3.61
N THR A 821 -21.55 4.04 2.37
CA THR A 821 -20.63 3.70 1.29
C THR A 821 -19.32 4.46 1.41
N GLN A 822 -18.22 3.77 1.20
CA GLN A 822 -16.90 4.40 1.21
C GLN A 822 -16.75 5.21 -0.06
N ILE A 823 -16.76 6.53 0.08
CA ILE A 823 -16.84 7.43 -1.04
C ILE A 823 -15.48 8.05 -1.32
N GLY A 824 -15.35 8.70 -2.46
CA GLY A 824 -14.18 9.53 -2.72
C GLY A 824 -13.02 8.74 -3.26
N GLU A 825 -11.84 9.02 -2.74
CA GLU A 825 -10.62 8.33 -3.13
C GLU A 825 -10.36 7.16 -2.19
N ARG A 826 -9.61 6.17 -2.69
CA ARG A 826 -9.37 4.83 -2.14
C ARG A 826 -10.64 3.98 -2.07
N GLY A 827 -11.75 4.48 -2.61
CA GLY A 827 -13.04 3.81 -2.56
C GLY A 827 -13.70 3.85 -3.93
N ILE A 828 -15.01 4.09 -3.93
CA ILE A 828 -15.77 4.18 -5.16
C ILE A 828 -15.36 5.46 -5.88
N ASN A 829 -14.61 5.33 -6.97
CA ASN A 829 -14.28 6.48 -7.80
C ASN A 829 -15.52 6.89 -8.59
N LEU A 830 -16.33 7.76 -7.98
CA LEU A 830 -17.63 8.12 -8.51
C LEU A 830 -17.51 8.94 -9.79
N SER A 831 -18.66 9.21 -10.40
CA SER A 831 -18.73 10.09 -11.56
C SER A 831 -18.36 11.52 -11.15
N GLY A 832 -17.79 12.27 -12.10
CA GLY A 832 -17.30 13.60 -11.79
C GLY A 832 -18.38 14.56 -11.37
N GLY A 833 -19.57 14.41 -11.95
CA GLY A 833 -20.71 15.17 -11.47
C GLY A 833 -21.17 14.69 -10.11
N GLN A 834 -21.17 13.36 -9.93
CA GLN A 834 -21.52 12.75 -8.64
C GLN A 834 -20.54 13.16 -7.55
N ARG A 835 -19.25 13.19 -7.89
CA ARG A 835 -18.24 13.70 -6.96
C ARG A 835 -18.50 15.16 -6.63
N GLN A 836 -18.87 15.96 -7.63
CA GLN A 836 -19.20 17.36 -7.43
C GLN A 836 -20.43 17.53 -6.55
N ARG A 837 -21.45 16.67 -6.71
CA ARG A 837 -22.65 16.76 -5.88
C ARG A 837 -22.35 16.51 -4.41
N ILE A 838 -21.45 15.56 -4.13
CA ILE A 838 -21.06 15.29 -2.74
C ILE A 838 -20.36 16.50 -2.12
N SER A 839 -19.42 17.10 -2.83
CA SER A 839 -18.69 18.27 -2.33
C SER A 839 -19.60 19.48 -2.15
N VAL A 840 -20.50 19.71 -3.10
CA VAL A 840 -21.44 20.83 -3.05
C VAL A 840 -22.32 20.76 -1.81
N ALA A 841 -22.79 19.56 -1.49
CA ALA A 841 -23.69 19.37 -0.35
C ALA A 841 -23.04 19.69 1.00
N ARG A 842 -21.76 19.34 1.17
CA ARG A 842 -21.04 19.61 2.41
C ARG A 842 -21.03 21.07 2.79
N ALA A 843 -20.82 21.97 1.82
CA ALA A 843 -20.83 23.40 2.10
C ALA A 843 -22.18 23.87 2.59
N LEU A 844 -23.27 23.36 2.00
CA LEU A 844 -24.62 23.71 2.44
C LEU A 844 -24.94 23.17 3.82
N TYR A 845 -24.52 21.94 4.11
CA TYR A 845 -24.82 21.29 5.38
C TYR A 845 -24.19 21.98 6.59
N GLN A 846 -23.00 22.55 6.44
CA GLN A 846 -22.08 22.75 7.55
C GLN A 846 -22.51 23.84 8.52
N GLN A 847 -23.48 24.70 8.16
CA GLN A 847 -23.91 25.86 8.96
C GLN A 847 -22.73 26.79 9.27
N THR A 848 -21.91 27.08 8.26
CA THR A 848 -20.86 28.07 8.39
C THR A 848 -21.40 29.45 8.06
N ASN A 849 -20.75 30.48 8.61
CA ASN A 849 -21.31 31.82 8.62
C ASN A 849 -21.27 32.52 7.27
N VAL A 850 -20.62 31.95 6.27
CA VAL A 850 -20.51 32.51 4.93
C VAL A 850 -20.17 31.36 4.00
N VAL A 851 -20.83 31.29 2.86
CA VAL A 851 -20.58 30.19 1.93
C VAL A 851 -19.97 30.76 0.67
N PHE A 852 -18.83 30.22 0.25
CA PHE A 852 -18.19 30.58 -1.01
C PHE A 852 -18.19 29.35 -1.87
N LEU A 853 -18.98 29.36 -2.94
CA LEU A 853 -19.05 28.25 -3.86
C LEU A 853 -18.33 28.62 -5.15
N ASP A 854 -17.27 27.88 -5.47
CA ASP A 854 -16.47 28.13 -6.67
C ASP A 854 -16.97 27.20 -7.77
N ASP A 855 -17.80 27.74 -8.65
CA ASP A 855 -18.48 27.10 -9.77
C ASP A 855 -19.14 25.76 -9.43
N PRO A 856 -20.20 25.72 -8.61
CA PRO A 856 -20.96 24.48 -8.50
C PRO A 856 -21.93 24.34 -9.67
N PHE A 857 -22.51 25.46 -10.12
CA PHE A 857 -23.47 25.41 -11.21
C PHE A 857 -22.78 25.16 -12.54
N SER A 858 -21.59 25.72 -12.72
CA SER A 858 -20.79 25.43 -13.91
C SER A 858 -20.25 24.00 -13.91
N ALA A 859 -20.19 23.36 -12.74
CA ALA A 859 -19.86 21.95 -12.65
C ALA A 859 -21.09 21.06 -12.48
N LEU A 860 -22.29 21.65 -12.44
CA LEU A 860 -23.49 20.89 -12.11
C LEU A 860 -23.89 19.99 -13.27
N ASP A 861 -23.75 18.68 -13.07
CA ASP A 861 -24.03 17.71 -14.13
C ASP A 861 -25.53 17.49 -14.30
N VAL A 862 -26.25 17.27 -13.20
CA VAL A 862 -27.69 17.07 -13.26
C VAL A 862 -28.36 18.43 -13.47
N HIS A 863 -29.20 18.50 -14.50
CA HIS A 863 -29.72 19.78 -14.95
C HIS A 863 -30.86 20.29 -14.08
N LEU A 864 -31.83 19.43 -13.76
CA LEU A 864 -32.93 19.82 -12.88
C LEU A 864 -32.44 20.04 -11.46
N SER A 865 -31.46 19.26 -11.01
CA SER A 865 -30.84 19.52 -9.72
C SER A 865 -30.11 20.85 -9.73
N ASP A 866 -29.50 21.23 -10.86
CA ASP A 866 -28.85 22.55 -10.99
C ASP A 866 -29.86 23.67 -10.80
N HIS A 867 -31.07 23.47 -11.33
CA HIS A 867 -32.18 24.36 -11.06
C HIS A 867 -32.50 24.32 -9.57
N LEU A 868 -32.66 23.10 -9.04
CA LEU A 868 -33.01 22.87 -7.64
C LEU A 868 -31.92 23.33 -6.68
N MET A 869 -30.64 23.21 -7.08
CA MET A 869 -29.54 23.77 -6.29
C MET A 869 -29.75 25.26 -6.06
N GLN A 870 -30.02 26.01 -7.13
CA GLN A 870 -30.22 27.45 -7.01
C GLN A 870 -31.47 27.76 -6.19
N ALA A 871 -32.51 26.92 -6.31
CA ALA A 871 -33.73 27.18 -5.55
C ALA A 871 -33.56 26.82 -4.09
N GLY A 872 -32.70 25.86 -3.80
CA GLY A 872 -32.34 25.59 -2.42
C GLY A 872 -31.36 26.59 -1.84
N ILE A 873 -30.41 27.05 -2.66
CA ILE A 873 -29.39 28.00 -2.19
C ILE A 873 -29.95 29.39 -1.95
N LEU A 874 -30.95 29.81 -2.73
CA LEU A 874 -31.65 31.06 -2.43
C LEU A 874 -32.37 30.97 -1.10
N GLU A 875 -33.14 29.90 -0.90
CA GLU A 875 -33.93 29.77 0.31
C GLU A 875 -33.04 29.59 1.53
N LEU A 876 -31.90 28.89 1.36
CA LEU A 876 -30.97 28.70 2.46
C LEU A 876 -30.27 29.99 2.84
N LEU A 877 -29.82 30.76 1.85
CA LEU A 877 -29.14 32.03 2.12
C LEU A 877 -30.07 33.07 2.72
N ARG A 878 -31.29 33.17 2.19
CA ARG A 878 -32.24 34.15 2.70
C ARG A 878 -32.72 33.82 4.11
N ASP A 879 -33.05 32.55 4.37
CA ASP A 879 -33.52 32.18 5.71
C ASP A 879 -32.41 32.23 6.75
N ASP A 880 -31.25 31.67 6.44
CA ASP A 880 -30.15 31.68 7.42
C ASP A 880 -29.59 33.07 7.63
N LYS A 881 -29.77 33.96 6.65
CA LYS A 881 -29.01 35.22 6.52
C LYS A 881 -27.52 34.95 6.59
N ARG A 882 -27.09 33.91 5.87
CA ARG A 882 -25.67 33.60 5.67
C ARG A 882 -25.31 34.12 4.28
N THR A 883 -24.44 35.13 4.24
CA THR A 883 -23.97 35.72 2.99
C THR A 883 -23.35 34.66 2.10
N VAL A 884 -23.54 34.78 0.80
CA VAL A 884 -23.06 33.77 -0.12
C VAL A 884 -22.46 34.45 -1.34
N VAL A 885 -21.20 34.16 -1.62
CA VAL A 885 -20.55 34.59 -2.85
C VAL A 885 -20.43 33.34 -3.71
N LEU A 886 -21.14 33.29 -4.82
CA LEU A 886 -21.14 32.10 -5.68
C LEU A 886 -20.63 32.53 -7.04
N VAL A 887 -19.34 32.33 -7.28
CA VAL A 887 -18.79 32.51 -8.62
C VAL A 887 -19.30 31.43 -9.55
N THR A 888 -19.83 31.83 -10.71
CA THR A 888 -20.12 30.93 -11.81
C THR A 888 -20.16 31.74 -13.10
N HIS A 889 -19.90 31.06 -14.21
CA HIS A 889 -20.10 31.64 -15.53
C HIS A 889 -21.21 30.90 -16.25
N LYS A 890 -22.27 30.61 -15.51
CA LYS A 890 -23.59 30.30 -16.04
C LYS A 890 -24.48 31.43 -15.54
N LEU A 891 -24.88 32.32 -16.45
CA LEU A 891 -25.43 33.62 -16.08
C LEU A 891 -26.95 33.65 -16.08
N GLN A 892 -27.57 32.57 -15.60
CA GLN A 892 -29.03 32.48 -15.64
C GLN A 892 -29.67 33.39 -14.60
N TYR A 893 -29.12 33.45 -13.39
CA TYR A 893 -29.69 34.28 -12.33
C TYR A 893 -29.04 35.66 -12.24
N LEU A 894 -28.05 35.93 -13.10
CA LEU A 894 -27.05 36.97 -12.89
C LEU A 894 -27.56 38.41 -12.85
N PRO A 895 -28.58 38.85 -13.60
CA PRO A 895 -29.16 40.17 -13.30
C PRO A 895 -30.43 40.16 -12.45
N HIS A 896 -30.83 39.03 -11.87
CA HIS A 896 -32.12 38.98 -11.18
C HIS A 896 -32.08 39.57 -9.77
N ALA A 897 -31.39 38.87 -8.86
CA ALA A 897 -31.35 39.28 -7.47
C ALA A 897 -29.99 39.01 -6.85
N ASP A 898 -28.94 39.08 -7.64
CA ASP A 898 -27.58 38.96 -7.15
C ASP A 898 -26.92 40.33 -7.22
N TRP A 899 -26.24 40.72 -6.15
CA TRP A 899 -25.57 42.01 -6.08
C TRP A 899 -24.18 41.87 -6.68
N ILE A 900 -24.19 41.62 -8.00
CA ILE A 900 -23.16 40.86 -8.67
C ILE A 900 -21.83 41.61 -8.70
N ILE A 901 -20.75 40.85 -8.81
CA ILE A 901 -19.40 41.40 -8.84
C ILE A 901 -18.66 40.70 -9.99
N ALA A 902 -18.65 41.35 -11.15
CA ALA A 902 -18.02 40.79 -12.34
C ALA A 902 -16.60 41.30 -12.48
N MET A 903 -15.66 40.37 -12.63
CA MET A 903 -14.26 40.68 -12.87
C MET A 903 -13.84 40.22 -14.25
N LYS A 904 -12.88 40.93 -14.85
CA LYS A 904 -12.41 40.58 -16.18
C LYS A 904 -10.90 40.69 -16.28
N ASP A 905 -10.29 39.67 -16.88
CA ASP A 905 -8.85 39.61 -17.18
C ASP A 905 -7.97 39.71 -15.94
N GLY A 906 -8.48 39.26 -14.79
CA GLY A 906 -7.76 39.31 -13.55
C GLY A 906 -8.14 40.45 -12.63
N THR A 907 -8.72 41.51 -13.17
CA THR A 907 -9.14 42.63 -12.35
C THR A 907 -10.66 42.71 -12.32
N ILE A 908 -11.18 43.33 -11.26
CA ILE A 908 -12.61 43.61 -11.18
C ILE A 908 -12.97 44.62 -12.26
N GLN A 909 -14.03 44.33 -13.00
CA GLN A 909 -14.45 45.18 -14.10
C GLN A 909 -15.63 46.07 -13.70
N ARG A 910 -16.57 45.52 -12.97
CA ARG A 910 -17.73 46.26 -12.51
C ARG A 910 -18.22 45.65 -11.23
N GLU A 911 -18.63 46.52 -10.30
CA GLU A 911 -19.21 46.10 -9.03
C GLU A 911 -20.36 47.05 -8.69
N GLY A 912 -21.46 46.47 -8.25
CA GLY A 912 -22.66 47.22 -7.97
C GLY A 912 -23.86 46.30 -8.03
N THR A 913 -25.04 46.91 -8.00
CA THR A 913 -26.27 46.15 -8.08
C THR A 913 -26.47 45.61 -9.51
N LEU A 914 -27.48 44.75 -9.66
CA LEU A 914 -27.74 44.12 -10.94
C LEU A 914 -28.22 45.14 -11.98
N LYS A 915 -29.04 46.09 -11.55
CA LYS A 915 -29.56 47.14 -12.43
C LYS A 915 -28.45 48.01 -13.00
N ASP A 916 -27.39 48.24 -12.21
CA ASP A 916 -26.22 48.96 -12.69
C ASP A 916 -25.56 48.23 -13.85
N PHE A 917 -25.57 46.89 -13.83
CA PHE A 917 -25.00 46.13 -14.94
C PHE A 917 -25.96 46.04 -16.12
N GLN A 918 -27.26 46.18 -15.86
CA GLN A 918 -28.19 46.48 -16.95
C GLN A 918 -27.96 47.89 -17.50
N ARG A 919 -27.49 48.80 -16.66
CA ARG A 919 -27.18 50.17 -17.05
C ARG A 919 -25.74 50.36 -17.48
N SER A 920 -24.97 49.28 -17.60
CA SER A 920 -23.59 49.34 -18.06
C SER A 920 -23.37 48.67 -19.40
N GLU A 921 -24.43 48.16 -20.03
CA GLU A 921 -24.47 47.64 -21.39
C GLU A 921 -23.64 46.38 -21.61
N CYS A 922 -23.12 45.77 -20.55
CA CYS A 922 -22.57 44.43 -20.64
C CYS A 922 -23.62 43.37 -20.35
N GLN A 923 -24.82 43.78 -19.94
CA GLN A 923 -25.94 42.88 -19.74
C GLN A 923 -26.40 42.24 -21.05
N LEU A 924 -26.25 42.96 -22.16
CA LEU A 924 -26.58 42.42 -23.47
C LEU A 924 -25.71 41.21 -23.81
N PHE A 925 -24.44 41.25 -23.40
CA PHE A 925 -23.55 40.11 -23.58
C PHE A 925 -24.08 38.89 -22.83
N GLU A 926 -24.60 39.11 -21.61
CA GLU A 926 -25.26 38.05 -20.86
C GLU A 926 -26.56 37.59 -21.50
N HIS A 927 -27.27 38.50 -22.17
CA HIS A 927 -28.49 38.15 -22.89
C HIS A 927 -28.24 37.20 -24.06
N TRP A 928 -27.02 37.18 -24.61
CA TRP A 928 -26.69 36.29 -25.72
C TRP A 928 -26.56 34.85 -25.26
N GLN A 992 -10.07 -16.60 15.87
CA GLN A 992 -9.03 -16.12 14.96
C GLN A 992 -7.67 -16.74 15.28
N ARG A 993 -7.69 -17.98 15.75
CA ARG A 993 -6.49 -18.69 16.19
C ARG A 993 -6.39 -19.99 15.40
N ALA A 994 -5.63 -19.98 14.30
CA ALA A 994 -5.45 -21.15 13.47
C ALA A 994 -4.15 -21.01 12.70
N LYS A 995 -3.24 -21.97 12.86
CA LYS A 995 -2.06 -22.02 12.01
C LYS A 995 -2.45 -22.52 10.62
N ILE A 996 -1.55 -22.38 9.66
CA ILE A 996 -1.90 -22.75 8.28
C ILE A 996 -0.94 -23.76 7.68
N PRO A 997 -0.92 -25.04 8.11
CA PRO A 997 -0.07 -26.02 7.43
C PRO A 997 -0.58 -26.41 6.06
N TRP A 998 -1.88 -26.26 5.80
CA TRP A 998 -2.42 -26.57 4.48
C TRP A 998 -1.93 -25.59 3.43
N ARG A 999 -1.83 -24.31 3.77
CA ARG A 999 -1.29 -23.33 2.84
C ARG A 999 0.22 -23.49 2.63
N ALA A 1000 0.96 -23.90 3.67
CA ALA A 1000 2.39 -24.14 3.50
C ALA A 1000 2.64 -25.38 2.66
N CYS A 1001 1.81 -26.42 2.81
CA CYS A 1001 1.91 -27.61 1.96
C CYS A 1001 1.52 -27.28 0.53
N THR A 1002 0.48 -26.44 0.36
CA THR A 1002 0.09 -26.00 -0.97
C THR A 1002 1.10 -25.04 -1.58
N LYS A 1003 1.94 -24.40 -0.76
CA LYS A 1003 2.98 -23.54 -1.32
C LYS A 1003 4.11 -24.37 -1.88
N TYR A 1004 4.78 -25.13 -1.01
CA TYR A 1004 6.05 -25.73 -1.36
C TYR A 1004 5.89 -26.91 -2.32
N LEU A 1005 5.09 -27.91 -1.92
CA LEU A 1005 5.00 -29.15 -2.68
C LEU A 1005 4.27 -28.98 -3.99
N SER A 1006 3.31 -28.06 -4.06
CA SER A 1006 2.61 -27.88 -5.33
C SER A 1006 3.43 -27.04 -6.31
N SER A 1007 3.89 -25.86 -5.87
CA SER A 1007 4.48 -24.91 -6.81
C SER A 1007 5.91 -25.28 -7.20
N ALA A 1008 6.74 -25.71 -6.23
CA ALA A 1008 8.17 -25.88 -6.50
C ALA A 1008 8.50 -27.18 -7.20
N GLY A 1009 7.80 -28.26 -6.88
CA GLY A 1009 8.14 -29.56 -7.42
C GLY A 1009 9.22 -30.24 -6.61
N ILE A 1010 9.23 -31.58 -6.61
CA ILE A 1010 10.15 -32.37 -5.81
C ILE A 1010 11.61 -32.15 -6.22
N LEU A 1011 11.85 -31.87 -7.51
CA LEU A 1011 13.20 -31.81 -8.07
C LEU A 1011 14.04 -30.69 -7.49
N LEU A 1012 13.42 -29.68 -6.88
CA LEU A 1012 14.15 -28.72 -6.08
C LEU A 1012 13.58 -28.54 -4.69
N LEU A 1013 12.46 -29.16 -4.35
CA LEU A 1013 12.05 -29.19 -2.96
C LEU A 1013 12.91 -30.15 -2.15
N SER A 1014 13.23 -31.31 -2.73
CA SER A 1014 14.06 -32.27 -2.02
C SER A 1014 15.52 -31.83 -1.96
N LEU A 1015 16.01 -31.14 -3.00
CA LEU A 1015 17.37 -30.63 -2.96
C LEU A 1015 17.51 -29.54 -1.91
N LEU A 1016 16.50 -28.68 -1.76
CA LEU A 1016 16.56 -27.66 -0.73
C LEU A 1016 16.43 -28.29 0.66
N VAL A 1017 15.58 -29.30 0.80
CA VAL A 1017 15.37 -29.91 2.10
C VAL A 1017 16.54 -30.80 2.49
N PHE A 1018 17.28 -31.34 1.53
CA PHE A 1018 18.45 -32.15 1.85
C PHE A 1018 19.72 -31.33 1.97
N SER A 1019 19.83 -30.23 1.24
CA SER A 1019 21.01 -29.39 1.41
C SER A 1019 20.95 -28.62 2.71
N GLN A 1020 19.76 -28.36 3.22
CA GLN A 1020 19.63 -27.73 4.52
C GLN A 1020 20.15 -28.64 5.63
N LEU A 1021 19.79 -29.92 5.60
CA LEU A 1021 20.26 -30.85 6.62
C LEU A 1021 21.75 -31.14 6.49
N LEU A 1022 22.26 -31.20 5.25
CA LEU A 1022 23.66 -31.57 5.07
C LEU A 1022 24.59 -30.40 5.30
N LYS A 1023 24.18 -29.17 4.98
CA LYS A 1023 24.88 -28.01 5.50
C LYS A 1023 24.88 -28.00 7.02
N HIS A 1024 23.79 -28.45 7.63
CA HIS A 1024 23.67 -28.43 9.08
C HIS A 1024 24.11 -29.73 9.76
N MET A 1025 24.57 -30.74 9.05
CA MET A 1025 25.38 -31.74 9.72
C MET A 1025 26.86 -31.43 9.61
N VAL A 1026 27.25 -30.65 8.60
CA VAL A 1026 28.64 -30.26 8.44
C VAL A 1026 29.05 -29.29 9.53
N LEU A 1027 28.10 -28.50 10.03
CA LEU A 1027 28.43 -27.52 11.08
C LEU A 1027 28.68 -28.17 12.44
N VAL A 1028 28.32 -29.43 12.62
CA VAL A 1028 28.64 -30.16 13.85
C VAL A 1028 29.91 -30.95 13.58
N ALA A 1029 30.07 -31.39 12.34
CA ALA A 1029 31.26 -32.13 11.95
C ALA A 1029 32.48 -31.22 11.86
N ILE A 1030 32.28 -29.96 11.50
CA ILE A 1030 33.40 -29.03 11.57
C ILE A 1030 33.78 -28.77 13.03
N ASP A 1031 32.78 -28.69 13.93
CA ASP A 1031 33.04 -28.47 15.34
C ASP A 1031 33.46 -29.72 16.10
N TYR A 1032 32.92 -30.90 15.76
CA TYR A 1032 33.27 -32.13 16.47
C TYR A 1032 34.73 -32.50 16.27
N TRP A 1033 35.24 -32.33 15.06
CA TRP A 1033 36.64 -32.62 14.78
C TRP A 1033 37.55 -31.52 15.33
N LEU A 1034 37.06 -30.27 15.38
CA LEU A 1034 37.80 -29.18 16.02
C LEU A 1034 38.08 -29.46 17.49
N ALA A 1035 37.13 -30.07 18.19
CA ALA A 1035 37.35 -30.46 19.58
C ALA A 1035 38.49 -31.47 19.69
N LYS A 1036 38.41 -32.57 18.93
CA LYS A 1036 39.32 -33.71 18.97
C LYS A 1036 40.72 -33.43 18.45
N TRP A 1037 41.02 -32.22 18.00
CA TRP A 1037 42.38 -31.80 17.71
C TRP A 1037 43.00 -31.02 18.84
N THR A 1038 42.18 -30.28 19.57
CA THR A 1038 42.69 -29.48 20.64
C THR A 1038 43.18 -30.30 21.81
N ASP A 1039 42.67 -31.52 21.98
CA ASP A 1039 43.14 -32.41 23.05
C ASP A 1039 44.63 -32.72 22.88
N SER A 1040 45.04 -33.04 21.66
CA SER A 1040 46.46 -33.23 21.42
C SER A 1040 47.21 -31.92 21.44
N ALA A 1041 46.58 -30.84 20.99
CA ALA A 1041 47.15 -29.50 20.82
C ALA A 1041 48.42 -29.48 19.98
N ASP A 1060 50.01 -37.18 13.72
CA ASP A 1060 48.66 -36.65 13.56
C ASP A 1060 48.59 -35.16 13.90
N GLN A 1061 49.41 -34.36 13.20
CA GLN A 1061 49.25 -32.91 13.18
C GLN A 1061 48.86 -32.40 11.81
N SER A 1062 49.50 -32.93 10.75
CA SER A 1062 49.12 -32.63 9.39
C SER A 1062 47.85 -33.34 8.95
N VAL A 1063 47.33 -34.24 9.78
CA VAL A 1063 46.05 -34.88 9.55
C VAL A 1063 45.00 -34.05 10.26
N TYR A 1064 45.41 -33.37 11.34
CA TYR A 1064 44.54 -32.40 11.98
C TYR A 1064 44.32 -31.20 11.07
N ALA A 1065 45.35 -30.79 10.35
CA ALA A 1065 45.24 -29.71 9.36
C ALA A 1065 44.46 -30.13 8.11
N MET A 1066 44.67 -31.36 7.63
CA MET A 1066 44.07 -31.77 6.37
C MET A 1066 42.64 -32.23 6.51
N VAL A 1067 42.13 -32.44 7.72
CA VAL A 1067 40.70 -32.58 7.85
C VAL A 1067 40.00 -31.28 8.24
N PHE A 1068 40.71 -30.34 8.85
CA PHE A 1068 40.05 -29.08 9.17
C PHE A 1068 39.91 -28.20 7.95
N THR A 1069 40.94 -28.20 7.10
CA THR A 1069 40.84 -27.53 5.82
C THR A 1069 39.80 -28.19 4.92
N LEU A 1070 39.83 -29.52 4.85
CA LEU A 1070 38.86 -30.20 4.01
C LEU A 1070 37.49 -30.39 4.67
N LEU A 1071 37.28 -29.94 5.89
CA LEU A 1071 35.90 -29.79 6.36
C LEU A 1071 35.40 -28.36 6.23
N CYS A 1072 36.24 -27.38 6.54
CA CYS A 1072 35.82 -25.99 6.46
C CYS A 1072 35.60 -25.55 5.02
N SER A 1073 36.34 -26.11 4.08
CA SER A 1073 36.14 -25.75 2.69
C SER A 1073 34.83 -26.29 2.16
N LEU A 1074 34.49 -27.55 2.47
CA LEU A 1074 33.19 -28.07 2.07
C LEU A 1074 32.07 -27.44 2.87
N GLY A 1075 32.35 -27.02 4.09
CA GLY A 1075 31.39 -26.24 4.85
C GLY A 1075 31.11 -24.92 4.16
N ILE A 1076 32.16 -24.27 3.64
CA ILE A 1076 31.99 -23.03 2.90
C ILE A 1076 31.27 -23.28 1.60
N VAL A 1077 31.56 -24.40 0.94
CA VAL A 1077 30.96 -24.72 -0.36
C VAL A 1077 29.47 -24.97 -0.21
N LEU A 1078 29.06 -25.68 0.85
CA LEU A 1078 27.64 -25.92 1.07
C LEU A 1078 26.89 -24.64 1.44
N CYS A 1079 27.58 -23.65 2.00
CA CYS A 1079 26.95 -22.36 2.27
C CYS A 1079 26.47 -21.70 0.98
N LEU A 1080 27.28 -21.77 -0.08
CA LEU A 1080 26.87 -21.20 -1.35
C LEU A 1080 25.68 -21.92 -1.96
N VAL A 1081 25.67 -23.25 -1.91
CA VAL A 1081 24.67 -23.99 -2.65
C VAL A 1081 23.44 -24.26 -1.79
N THR A 1082 23.38 -23.70 -0.60
CA THR A 1082 22.09 -23.60 0.06
C THR A 1082 21.51 -22.20 0.00
N SER A 1083 22.36 -21.18 0.01
CA SER A 1083 21.91 -19.80 -0.16
C SER A 1083 21.38 -19.54 -1.57
N VAL A 1084 21.93 -20.22 -2.57
CA VAL A 1084 21.39 -20.09 -3.92
C VAL A 1084 20.12 -20.89 -4.09
N THR A 1085 20.03 -22.09 -3.50
CA THR A 1085 18.87 -22.93 -3.76
C THR A 1085 17.63 -22.46 -3.02
N VAL A 1086 17.78 -21.69 -1.94
CA VAL A 1086 16.62 -21.11 -1.26
C VAL A 1086 15.99 -20.05 -2.14
N GLU A 1087 16.81 -19.11 -2.61
CA GLU A 1087 16.31 -17.98 -3.38
C GLU A 1087 15.83 -18.40 -4.75
N TRP A 1088 16.43 -19.45 -5.32
CA TRP A 1088 15.98 -19.98 -6.59
C TRP A 1088 14.58 -20.58 -6.47
N THR A 1089 14.31 -21.31 -5.39
CA THR A 1089 12.99 -21.88 -5.19
C THR A 1089 11.94 -20.81 -4.97
N GLY A 1090 12.34 -19.67 -4.42
CA GLY A 1090 11.42 -18.55 -4.27
C GLY A 1090 10.95 -18.01 -5.60
N LEU A 1091 11.88 -17.85 -6.55
CA LEU A 1091 11.51 -17.36 -7.87
C LEU A 1091 10.63 -18.37 -8.62
N LYS A 1092 10.92 -19.66 -8.50
CA LYS A 1092 10.10 -20.63 -9.21
C LYS A 1092 8.75 -20.88 -8.57
N VAL A 1093 8.52 -20.46 -7.34
CA VAL A 1093 7.17 -20.51 -6.78
C VAL A 1093 6.41 -19.20 -6.97
N ALA A 1094 7.13 -18.07 -7.04
CA ALA A 1094 6.48 -16.79 -7.27
C ALA A 1094 5.88 -16.71 -8.66
N LYS A 1095 6.61 -17.21 -9.66
CA LYS A 1095 6.14 -17.24 -11.04
C LYS A 1095 4.87 -18.07 -11.16
N ARG A 1096 4.95 -19.37 -10.87
CA ARG A 1096 3.82 -20.27 -11.02
C ARG A 1096 2.71 -20.09 -10.00
N LEU A 1097 2.82 -19.15 -9.07
CA LEU A 1097 1.63 -18.70 -8.35
C LEU A 1097 0.95 -17.56 -9.09
N HIS A 1098 1.71 -16.55 -9.53
CA HIS A 1098 1.11 -15.37 -10.13
C HIS A 1098 0.54 -15.67 -11.50
N ARG A 1099 1.21 -16.56 -12.24
CA ARG A 1099 0.69 -16.96 -13.55
C ARG A 1099 -0.62 -17.71 -13.39
N SER A 1100 -0.71 -18.56 -12.36
CA SER A 1100 -1.96 -19.25 -12.08
C SER A 1100 -3.02 -18.29 -11.57
N LEU A 1101 -2.63 -17.32 -10.74
CA LEU A 1101 -3.58 -16.36 -10.20
C LEU A 1101 -4.19 -15.47 -11.27
N LEU A 1102 -3.37 -14.98 -12.20
CA LEU A 1102 -3.91 -14.18 -13.30
C LEU A 1102 -4.79 -15.02 -14.20
N ASN A 1103 -4.25 -16.14 -14.71
CA ASN A 1103 -4.95 -16.97 -15.68
C ASN A 1103 -6.04 -17.84 -15.09
N ARG A 1104 -6.40 -17.65 -13.82
CA ARG A 1104 -7.61 -18.23 -13.27
C ARG A 1104 -8.47 -17.18 -12.59
N ILE A 1105 -8.16 -15.90 -12.78
CA ILE A 1105 -9.09 -14.81 -12.50
C ILE A 1105 -9.55 -14.13 -13.77
N ILE A 1106 -8.88 -14.38 -14.89
CA ILE A 1106 -9.35 -13.99 -16.21
C ILE A 1106 -10.14 -15.15 -16.81
N LEU A 1107 -10.45 -16.14 -15.99
CA LEU A 1107 -11.35 -17.22 -16.36
C LEU A 1107 -12.57 -17.26 -15.44
N ALA A 1108 -12.98 -16.10 -14.95
CA ALA A 1108 -14.02 -15.97 -13.95
C ALA A 1108 -15.23 -15.23 -14.52
N PRO A 1109 -16.44 -15.49 -14.03
CA PRO A 1109 -17.60 -14.75 -14.54
C PRO A 1109 -17.62 -13.33 -14.01
N MET A 1110 -18.28 -12.45 -14.76
CA MET A 1110 -18.42 -11.06 -14.34
C MET A 1110 -19.31 -10.91 -13.11
N ARG A 1111 -20.18 -11.90 -12.86
CA ARG A 1111 -21.01 -11.88 -11.66
C ARG A 1111 -20.14 -12.00 -10.41
N PHE A 1112 -19.01 -12.70 -10.52
CA PHE A 1112 -18.02 -12.69 -9.46
C PHE A 1112 -17.41 -11.30 -9.25
N PHE A 1113 -17.18 -10.57 -10.34
CA PHE A 1113 -16.55 -9.27 -10.21
C PHE A 1113 -17.51 -8.25 -9.61
N GLU A 1114 -18.81 -8.44 -9.79
CA GLU A 1114 -19.75 -7.57 -9.09
C GLU A 1114 -20.01 -8.06 -7.67
N THR A 1115 -19.93 -9.38 -7.44
CA THR A 1115 -20.14 -9.90 -6.08
C THR A 1115 -18.92 -9.66 -5.21
N THR A 1116 -17.75 -10.09 -5.68
CA THR A 1116 -16.56 -9.79 -4.89
C THR A 1116 -16.05 -8.40 -5.21
N PRO A 1117 -15.65 -7.65 -4.19
CA PRO A 1117 -15.18 -6.27 -4.43
C PRO A 1117 -13.88 -6.27 -5.21
N LEU A 1118 -13.68 -5.21 -5.98
CA LEU A 1118 -12.44 -5.10 -6.73
C LEU A 1118 -11.28 -4.61 -5.88
N GLY A 1119 -11.54 -4.24 -4.63
CA GLY A 1119 -10.46 -3.96 -3.71
C GLY A 1119 -9.97 -5.22 -3.04
N SER A 1120 -10.86 -6.20 -2.90
CA SER A 1120 -10.48 -7.49 -2.32
C SER A 1120 -9.58 -8.28 -3.25
N ILE A 1121 -9.94 -8.34 -4.53
CA ILE A 1121 -9.14 -9.07 -5.49
C ILE A 1121 -7.80 -8.38 -5.71
N LEU A 1122 -7.80 -7.06 -5.84
CA LEU A 1122 -6.57 -6.31 -6.10
C LEU A 1122 -5.61 -6.28 -4.91
N ASN A 1123 -6.12 -6.30 -3.68
CA ASN A 1123 -5.20 -6.28 -2.53
C ASN A 1123 -4.46 -7.61 -2.42
N ARG A 1124 -5.21 -8.72 -2.43
CA ARG A 1124 -4.62 -10.06 -2.45
C ARG A 1124 -3.74 -10.25 -3.69
N PHE A 1125 -4.10 -9.60 -4.79
CA PHE A 1125 -3.27 -9.58 -5.97
C PHE A 1125 -1.94 -8.90 -5.65
N SER A 1126 -2.00 -7.62 -5.31
CA SER A 1126 -0.80 -6.79 -5.25
C SER A 1126 0.05 -7.07 -4.02
N SER A 1127 -0.56 -6.99 -2.83
CA SER A 1127 0.23 -7.08 -1.61
C SER A 1127 0.69 -8.50 -1.29
N ASP A 1128 -0.17 -9.50 -1.48
CA ASP A 1128 0.26 -10.88 -1.23
C ASP A 1128 1.30 -11.36 -2.24
N CYS A 1129 1.28 -10.85 -3.47
CA CYS A 1129 2.35 -11.24 -4.39
C CYS A 1129 3.68 -10.60 -4.01
N ASN A 1130 3.63 -9.42 -3.40
CA ASN A 1130 4.86 -8.81 -2.88
C ASN A 1130 5.43 -9.63 -1.72
N THR A 1131 4.57 -10.21 -0.89
CA THR A 1131 5.05 -11.02 0.23
C THR A 1131 5.60 -12.35 -0.23
N ILE A 1132 5.00 -12.98 -1.23
CA ILE A 1132 5.45 -14.29 -1.67
C ILE A 1132 6.54 -14.18 -2.72
N ASP A 1133 6.99 -12.97 -3.00
CA ASP A 1133 8.16 -12.75 -3.83
C ASP A 1133 9.32 -12.15 -3.04
N GLN A 1134 9.09 -11.03 -2.37
CA GLN A 1134 10.15 -10.24 -1.77
C GLN A 1134 10.38 -10.57 -0.30
N HIS A 1135 9.50 -11.32 0.35
CA HIS A 1135 9.57 -11.41 1.80
C HIS A 1135 9.57 -12.83 2.34
N ILE A 1136 8.92 -13.77 1.68
CA ILE A 1136 8.89 -15.14 2.17
C ILE A 1136 10.23 -15.88 2.04
N PRO A 1137 10.92 -15.94 0.88
CA PRO A 1137 12.05 -16.88 0.79
C PRO A 1137 13.24 -16.50 1.64
N SER A 1138 13.46 -15.20 1.88
CA SER A 1138 14.50 -14.81 2.82
C SER A 1138 14.16 -15.27 4.23
N THR A 1139 12.90 -15.12 4.63
CA THR A 1139 12.44 -15.63 5.91
C THR A 1139 12.49 -17.14 5.94
N LEU A 1140 12.18 -17.78 4.80
CA LEU A 1140 12.24 -19.22 4.69
C LEU A 1140 13.67 -19.74 4.88
N GLU A 1141 14.63 -19.08 4.23
CA GLU A 1141 16.03 -19.48 4.41
C GLU A 1141 16.52 -19.18 5.82
N CYS A 1142 16.16 -18.02 6.36
CA CYS A 1142 16.59 -17.66 7.71
C CYS A 1142 15.94 -18.54 8.77
N LEU A 1143 14.66 -18.90 8.61
CA LEU A 1143 14.07 -19.83 9.57
C LEU A 1143 14.63 -21.24 9.39
N SER A 1144 14.75 -21.70 8.15
CA SER A 1144 15.28 -23.04 7.92
C SER A 1144 16.76 -23.14 8.26
N ARG A 1145 17.47 -22.03 8.33
CA ARG A 1145 18.80 -22.10 8.87
C ARG A 1145 18.76 -22.11 10.39
N SER A 1146 17.97 -21.23 10.98
CA SER A 1146 18.04 -20.99 12.42
C SER A 1146 17.48 -22.16 13.22
N THR A 1147 16.24 -22.57 12.94
CA THR A 1147 15.64 -23.62 13.77
C THR A 1147 16.30 -24.97 13.56
N LEU A 1148 16.87 -25.23 12.39
CA LEU A 1148 17.59 -26.48 12.21
C LEU A 1148 18.92 -26.45 12.93
N LEU A 1149 19.59 -25.30 12.90
CA LEU A 1149 20.75 -25.09 13.76
C LEU A 1149 20.38 -25.11 15.23
N CYS A 1150 19.16 -24.70 15.60
CA CYS A 1150 18.77 -24.70 17.01
C CYS A 1150 18.67 -26.12 17.55
N VAL A 1151 18.09 -27.02 16.77
CA VAL A 1151 18.02 -28.42 17.16
C VAL A 1151 19.42 -29.01 17.18
N SER A 1152 20.25 -28.58 16.25
CA SER A 1152 21.64 -29.00 16.17
C SER A 1152 22.43 -28.60 17.41
N ALA A 1153 22.25 -27.37 17.86
CA ALA A 1153 22.95 -26.91 19.05
C ALA A 1153 22.48 -27.67 20.29
N LEU A 1154 21.19 -28.00 20.37
CA LEU A 1154 20.70 -28.79 21.48
C LEU A 1154 20.99 -30.28 21.30
N THR A 1155 21.45 -30.69 20.12
CA THR A 1155 22.00 -32.03 19.94
C THR A 1155 23.42 -32.10 20.47
N VAL A 1156 24.19 -31.02 20.27
CA VAL A 1156 25.58 -30.97 20.75
C VAL A 1156 25.60 -31.06 22.27
N ILE A 1157 24.71 -30.33 22.92
CA ILE A 1157 24.63 -30.33 24.37
C ILE A 1157 24.24 -31.70 24.88
N SER A 1158 23.22 -32.30 24.27
CA SER A 1158 22.73 -33.58 24.76
C SER A 1158 23.64 -34.75 24.46
N TYR A 1159 24.60 -34.65 23.54
CA TYR A 1159 25.56 -35.74 23.53
C TYR A 1159 26.78 -35.44 24.39
N VAL A 1160 27.13 -34.17 24.63
CA VAL A 1160 28.23 -33.85 25.53
C VAL A 1160 27.90 -34.29 26.95
N THR A 1161 26.67 -34.07 27.40
CA THR A 1161 26.20 -34.55 28.71
C THR A 1161 25.01 -35.47 28.47
N PRO A 1162 25.23 -36.76 28.26
CA PRO A 1162 24.15 -37.60 27.70
C PRO A 1162 22.97 -37.91 28.63
N VAL A 1163 22.85 -37.22 29.75
CA VAL A 1163 21.63 -37.22 30.56
C VAL A 1163 21.16 -35.77 30.57
N PHE A 1164 21.32 -35.08 29.44
CA PHE A 1164 20.71 -33.76 29.24
C PHE A 1164 19.22 -33.89 28.92
N LEU A 1165 18.77 -35.08 28.54
CA LEU A 1165 17.35 -35.31 28.28
C LEU A 1165 16.51 -35.05 29.52
N VAL A 1166 17.01 -35.44 30.69
CA VAL A 1166 16.35 -35.08 31.94
C VAL A 1166 16.40 -33.58 32.15
N ALA A 1167 17.51 -32.96 31.77
CA ALA A 1167 17.69 -31.52 31.95
C ALA A 1167 16.82 -30.72 30.99
N LEU A 1168 16.64 -31.19 29.77
CA LEU A 1168 15.92 -30.42 28.78
C LEU A 1168 14.42 -30.60 28.79
N LEU A 1169 13.89 -31.67 29.39
CA LEU A 1169 12.44 -31.86 29.34
C LEU A 1169 11.59 -30.84 30.11
N PRO A 1170 11.94 -30.38 31.31
CA PRO A 1170 11.12 -29.30 31.88
C PRO A 1170 11.37 -27.96 31.22
N LEU A 1171 12.62 -27.65 30.91
CA LEU A 1171 12.95 -26.36 30.32
C LEU A 1171 12.38 -26.19 28.92
N ALA A 1172 12.33 -27.26 28.13
CA ALA A 1172 11.71 -27.17 26.79
C ALA A 1172 10.23 -26.86 26.88
N VAL A 1173 9.53 -27.37 27.89
CA VAL A 1173 8.10 -27.09 28.05
C VAL A 1173 7.87 -25.60 28.25
N VAL A 1174 8.68 -24.95 29.08
CA VAL A 1174 8.57 -23.50 29.26
C VAL A 1174 8.89 -22.78 27.96
N CYS A 1175 9.87 -23.29 27.21
CA CYS A 1175 10.14 -22.73 25.88
C CYS A 1175 8.96 -22.92 24.95
N TYR A 1176 8.27 -24.06 25.05
CA TYR A 1176 7.04 -24.26 24.26
C TYR A 1176 5.94 -23.27 24.61
N PHE A 1177 5.72 -23.03 25.90
CA PHE A 1177 4.64 -22.14 26.30
C PHE A 1177 4.90 -20.70 25.91
N ILE A 1178 6.13 -20.21 26.08
CA ILE A 1178 6.44 -18.83 25.65
C ILE A 1178 6.30 -18.72 24.14
N GLN A 1179 6.65 -19.76 23.41
CA GLN A 1179 6.39 -19.82 21.97
C GLN A 1179 4.91 -19.68 21.68
N LYS A 1180 4.06 -20.43 22.40
CA LYS A 1180 2.63 -20.44 22.10
C LYS A 1180 1.98 -19.11 22.43
N TYR A 1181 2.32 -18.52 23.56
CA TYR A 1181 1.71 -17.26 23.91
C TYR A 1181 2.39 -16.08 23.27
N PHE A 1182 3.44 -16.27 22.49
CA PHE A 1182 3.97 -15.12 21.79
C PHE A 1182 3.37 -14.99 20.40
N ARG A 1183 3.26 -16.11 19.68
CA ARG A 1183 2.66 -16.10 18.35
C ARG A 1183 1.24 -15.56 18.38
N VAL A 1184 0.43 -16.08 19.30
CA VAL A 1184 -0.94 -15.62 19.46
C VAL A 1184 -0.99 -14.13 19.77
N ALA A 1185 -0.07 -13.64 20.59
CA ALA A 1185 -0.01 -12.21 20.86
C ALA A 1185 0.49 -11.43 19.67
N SER A 1186 1.69 -11.70 19.20
CA SER A 1186 2.32 -10.76 18.28
C SER A 1186 1.94 -10.97 16.83
N ARG A 1187 0.98 -11.84 16.54
CA ARG A 1187 0.24 -11.74 15.27
C ARG A 1187 -0.77 -10.62 15.35
N ASP A 1188 -1.46 -10.54 16.49
CA ASP A 1188 -2.53 -9.56 16.67
C ASP A 1188 -1.96 -8.16 16.62
N LEU A 1189 -0.92 -7.89 17.40
CA LEU A 1189 -0.23 -6.61 17.34
C LEU A 1189 0.52 -6.38 16.03
N GLN A 1190 0.81 -7.42 15.26
CA GLN A 1190 1.41 -7.20 13.94
C GLN A 1190 0.43 -6.53 12.99
N GLN A 1191 -0.75 -7.13 12.80
CA GLN A 1191 -1.71 -6.52 11.89
C GLN A 1191 -2.27 -5.23 12.47
N LEU A 1192 -2.30 -5.11 13.80
CA LEU A 1192 -2.75 -3.86 14.39
C LEU A 1192 -1.70 -2.77 14.27
N ASP A 1193 -0.44 -3.12 14.05
CA ASP A 1193 0.53 -2.15 13.57
C ASP A 1193 0.18 -1.71 12.16
N ASP A 1194 0.10 -2.66 11.24
CA ASP A 1194 0.04 -2.36 9.81
C ASP A 1194 -1.27 -1.71 9.40
N THR A 1195 -2.40 -2.21 9.91
CA THR A 1195 -3.69 -1.57 9.66
C THR A 1195 -3.87 -0.26 10.38
N THR A 1196 -2.88 0.20 11.15
CA THR A 1196 -2.91 1.54 11.71
C THR A 1196 -2.11 2.55 10.88
N GLN A 1197 -1.03 2.12 10.25
CA GLN A 1197 -0.22 3.02 9.43
C GLN A 1197 -1.01 3.57 8.26
N LEU A 1198 -1.91 2.79 7.68
CA LEU A 1198 -2.61 3.22 6.48
C LEU A 1198 -3.62 4.35 6.75
N PRO A 1199 -4.42 4.37 7.82
CA PRO A 1199 -5.23 5.58 8.07
C PRO A 1199 -4.42 6.81 8.43
N LEU A 1200 -3.16 6.68 8.81
CA LEU A 1200 -2.33 7.85 9.06
C LEU A 1200 -1.84 8.45 7.76
N VAL A 1201 -1.34 7.63 6.85
CA VAL A 1201 -0.81 8.14 5.59
C VAL A 1201 -1.93 8.56 4.66
N SER A 1202 -3.12 7.98 4.81
CA SER A 1202 -4.28 8.47 4.07
C SER A 1202 -4.72 9.82 4.59
N HIS A 1203 -4.50 10.09 5.87
CA HIS A 1203 -4.70 11.44 6.37
C HIS A 1203 -3.63 12.40 5.84
N PHE A 1204 -2.42 11.95 5.59
CA PHE A 1204 -1.46 12.84 4.95
C PHE A 1204 -1.68 12.96 3.45
N ALA A 1205 -2.54 12.15 2.85
CA ALA A 1205 -3.00 12.46 1.51
C ALA A 1205 -4.16 13.44 1.53
N GLU A 1206 -5.19 13.14 2.33
CA GLU A 1206 -6.40 13.95 2.35
C GLU A 1206 -6.18 15.33 2.94
N THR A 1207 -5.16 15.52 3.76
CA THR A 1207 -4.85 16.88 4.16
C THR A 1207 -4.27 17.67 2.99
N VAL A 1208 -3.43 17.03 2.17
CA VAL A 1208 -2.73 17.80 1.15
C VAL A 1208 -3.65 18.14 -0.01
N GLU A 1209 -4.46 17.19 -0.46
CA GLU A 1209 -5.29 17.43 -1.64
C GLU A 1209 -6.40 18.42 -1.33
N GLY A 1210 -7.22 18.14 -0.34
CA GLY A 1210 -8.22 19.09 0.05
C GLY A 1210 -7.72 20.01 1.12
N LEU A 1211 -6.61 20.67 0.86
CA LEU A 1211 -5.99 21.52 1.87
C LEU A 1211 -6.77 22.80 2.07
N THR A 1212 -7.07 23.50 0.97
CA THR A 1212 -7.69 24.81 1.04
C THR A 1212 -9.06 24.79 1.67
N THR A 1213 -9.77 23.66 1.64
CA THR A 1213 -11.01 23.53 2.38
C THR A 1213 -10.78 23.64 3.89
N ILE A 1214 -9.77 22.93 4.40
CA ILE A 1214 -9.48 22.90 5.84
C ILE A 1214 -9.03 24.26 6.34
N ARG A 1215 -8.11 24.91 5.63
CA ARG A 1215 -7.80 26.28 6.00
C ARG A 1215 -8.96 27.23 5.74
N ALA A 1216 -9.92 26.91 4.86
CA ALA A 1216 -10.99 27.86 4.62
C ALA A 1216 -12.02 27.83 5.73
N PHE A 1217 -12.26 26.68 6.32
CA PHE A 1217 -13.25 26.66 7.39
C PHE A 1217 -12.67 27.18 8.70
N ARG A 1218 -11.41 27.62 8.69
CA ARG A 1218 -10.62 27.94 9.88
C ARG A 1218 -10.67 26.77 10.84
N TYR A 1219 -10.29 25.62 10.27
CA TYR A 1219 -10.59 24.29 10.76
C TYR A 1219 -9.31 23.52 11.00
N GLU A 1220 -8.21 24.24 11.23
CA GLU A 1220 -6.89 23.62 11.35
C GLU A 1220 -6.84 22.68 12.55
N ALA A 1221 -7.26 23.17 13.70
CA ALA A 1221 -7.14 22.42 14.92
C ALA A 1221 -8.13 21.31 15.04
N ARG A 1222 -8.91 20.88 14.05
CA ARG A 1222 -9.76 19.71 14.22
C ARG A 1222 -9.37 18.58 13.29
N PHE A 1223 -8.61 18.86 12.24
CA PHE A 1223 -7.82 17.85 11.55
C PHE A 1223 -6.41 17.74 12.11
N GLN A 1224 -6.02 18.67 12.96
CA GLN A 1224 -4.82 18.51 13.75
C GLN A 1224 -4.98 17.40 14.78
N GLN A 1225 -6.11 17.39 15.49
CA GLN A 1225 -6.30 16.42 16.54
C GLN A 1225 -6.58 15.04 16.01
N LYS A 1226 -7.10 14.92 14.79
CA LYS A 1226 -7.28 13.60 14.21
C LYS A 1226 -5.95 12.94 13.90
N LEU A 1227 -4.92 13.75 13.58
CA LEU A 1227 -3.57 13.21 13.47
C LEU A 1227 -3.10 12.67 14.81
N LEU A 1228 -3.20 13.48 15.88
CA LEU A 1228 -2.72 13.06 17.19
C LEU A 1228 -3.51 11.90 17.76
N GLU A 1229 -4.65 11.54 17.19
CA GLU A 1229 -5.21 10.25 17.51
C GLU A 1229 -4.65 9.19 16.59
N TYR A 1230 -4.41 9.53 15.33
CA TYR A 1230 -3.85 8.56 14.39
C TYR A 1230 -2.39 8.27 14.70
N THR A 1231 -1.65 9.29 15.11
CA THR A 1231 -0.24 9.09 15.48
C THR A 1231 -0.13 8.22 16.71
N ASP A 1232 -0.90 8.53 17.75
CA ASP A 1232 -0.87 7.77 18.98
C ASP A 1232 -1.56 6.43 18.88
N SER A 1233 -2.28 6.16 17.79
CA SER A 1233 -2.73 4.81 17.60
C SER A 1233 -1.69 3.97 16.91
N ASN A 1234 -0.74 4.60 16.23
CA ASN A 1234 0.34 3.84 15.62
C ASN A 1234 1.48 3.59 16.58
N ASN A 1235 1.79 4.56 17.43
CA ASN A 1235 2.87 4.35 18.39
C ASN A 1235 2.47 3.40 19.50
N ILE A 1236 1.21 3.42 19.94
CA ILE A 1236 0.83 2.50 21.00
C ILE A 1236 0.64 1.09 20.46
N ALA A 1237 0.51 0.92 19.15
CA ALA A 1237 0.53 -0.43 18.63
C ALA A 1237 1.88 -0.81 18.08
N SER A 1238 2.85 0.10 18.09
CA SER A 1238 4.22 -0.27 17.79
C SER A 1238 5.07 -0.45 19.03
N LEU A 1239 4.75 0.27 20.10
CA LEU A 1239 5.43 0.04 21.37
C LEU A 1239 5.10 -1.32 21.94
N PHE A 1240 3.84 -1.72 21.92
CA PHE A 1240 3.54 -3.05 22.46
C PHE A 1240 3.97 -4.16 21.54
N LEU A 1241 4.18 -3.87 20.25
CA LEU A 1241 4.82 -4.84 19.39
C LEU A 1241 6.26 -5.05 19.82
N THR A 1242 6.99 -3.96 20.08
CA THR A 1242 8.37 -4.08 20.54
C THR A 1242 8.47 -4.51 22.00
N ALA A 1243 7.48 -4.23 22.81
CA ALA A 1243 7.59 -4.69 24.18
C ALA A 1243 7.26 -6.17 24.25
N ALA A 1244 6.40 -6.65 23.36
CA ALA A 1244 6.25 -8.09 23.25
C ALA A 1244 7.49 -8.74 22.65
N ASN A 1245 8.18 -8.04 21.75
CA ASN A 1245 9.45 -8.56 21.24
C ASN A 1245 10.51 -8.64 22.34
N ARG A 1246 10.55 -7.66 23.23
CA ARG A 1246 11.56 -7.68 24.27
C ARG A 1246 11.19 -8.65 25.38
N TRP A 1247 9.90 -8.84 25.63
CA TRP A 1247 9.47 -9.83 26.60
C TRP A 1247 9.90 -11.21 26.17
N LEU A 1248 9.79 -11.50 24.88
CA LEU A 1248 10.25 -12.78 24.38
C LEU A 1248 11.74 -12.94 24.60
N GLU A 1249 12.51 -11.92 24.21
CA GLU A 1249 13.96 -12.06 24.26
C GLU A 1249 14.48 -12.14 25.69
N VAL A 1250 13.94 -11.36 26.62
CA VAL A 1250 14.34 -11.51 28.02
C VAL A 1250 13.98 -12.89 28.55
N CYS A 1251 12.77 -13.36 28.25
CA CYS A 1251 12.37 -14.65 28.75
C CYS A 1251 13.11 -15.80 28.07
N MET A 1252 13.27 -15.76 26.74
CA MET A 1252 13.98 -16.84 26.06
C MET A 1252 15.47 -16.89 26.38
N GLU A 1253 16.13 -15.74 26.52
CA GLU A 1253 17.53 -15.76 26.91
C GLU A 1253 17.73 -16.33 28.31
N TYR A 1254 16.82 -16.05 29.24
CA TYR A 1254 16.92 -16.65 30.56
C TYR A 1254 16.73 -18.17 30.49
N ILE A 1255 15.94 -18.64 29.53
CA ILE A 1255 15.88 -20.07 29.26
C ILE A 1255 17.21 -20.56 28.73
N GLY A 1256 17.79 -19.79 27.82
CA GLY A 1256 19.11 -20.12 27.29
C GLY A 1256 20.23 -20.01 28.31
N ALA A 1257 20.15 -19.06 29.24
CA ALA A 1257 21.18 -18.99 30.26
C ALA A 1257 21.13 -20.17 31.21
N CYS A 1258 19.93 -20.73 31.44
CA CYS A 1258 19.84 -21.98 32.19
C CYS A 1258 20.53 -23.11 31.45
N VAL A 1259 20.52 -23.06 30.13
CA VAL A 1259 21.26 -24.03 29.35
C VAL A 1259 22.76 -23.83 29.54
N VAL A 1260 23.22 -22.58 29.71
CA VAL A 1260 24.65 -22.34 29.96
C VAL A 1260 25.10 -22.98 31.25
N LEU A 1261 24.39 -22.74 32.35
CA LEU A 1261 24.84 -23.30 33.62
C LEU A 1261 24.67 -24.81 33.67
N ILE A 1262 23.59 -25.35 33.13
CA ILE A 1262 23.37 -26.79 33.23
C ILE A 1262 24.29 -27.56 32.29
N ALA A 1263 24.52 -27.06 31.08
CA ALA A 1263 25.49 -27.72 30.21
C ALA A 1263 26.89 -27.65 30.80
N ALA A 1264 27.23 -26.55 31.46
CA ALA A 1264 28.53 -26.47 32.11
C ALA A 1264 28.64 -27.43 33.28
N ALA A 1265 27.65 -27.41 34.20
CA ALA A 1265 27.75 -28.18 35.42
C ALA A 1265 27.71 -29.69 35.17
N THR A 1266 26.79 -30.16 34.35
CA THR A 1266 26.74 -31.59 34.09
C THR A 1266 27.88 -32.09 33.22
N SER A 1267 28.50 -31.26 32.41
CA SER A 1267 29.62 -31.76 31.62
C SER A 1267 30.88 -31.90 32.43
N ILE A 1268 31.12 -30.99 33.38
CA ILE A 1268 32.33 -31.07 34.22
C ILE A 1268 32.25 -32.29 35.10
N SER A 1269 31.12 -32.46 35.79
CA SER A 1269 30.92 -33.63 36.64
C SER A 1269 30.88 -34.92 35.84
N ASN A 1270 30.69 -34.85 34.52
CA ASN A 1270 30.92 -36.02 33.69
C ASN A 1270 32.39 -36.17 33.31
N SER A 1271 33.09 -35.07 33.04
CA SER A 1271 34.39 -35.20 32.38
C SER A 1271 35.51 -35.44 33.36
N LEU A 1272 35.24 -35.35 34.66
CA LEU A 1272 36.08 -35.93 35.70
C LEU A 1272 35.85 -37.43 35.86
N HIS A 1273 35.02 -38.03 35.02
CA HIS A 1273 34.64 -39.42 35.20
C HIS A 1273 34.48 -40.06 33.82
N LEU A 1280 35.22 -33.11 25.10
CA LEU A 1280 34.52 -32.23 24.18
C LEU A 1280 33.61 -31.33 24.97
N VAL A 1281 34.18 -30.70 25.98
CA VAL A 1281 33.41 -29.92 26.93
C VAL A 1281 33.44 -28.43 26.60
N GLY A 1282 34.58 -27.92 26.15
CA GLY A 1282 34.63 -26.54 25.71
C GLY A 1282 33.81 -26.24 24.49
N LEU A 1283 33.69 -27.21 23.58
CA LEU A 1283 32.89 -26.99 22.38
C LEU A 1283 31.42 -27.02 22.72
N GLY A 1284 31.03 -27.90 23.65
CA GLY A 1284 29.68 -27.88 24.18
C GLY A 1284 29.35 -26.56 24.87
N LEU A 1285 30.33 -25.99 25.57
CA LEU A 1285 30.08 -24.74 26.27
C LEU A 1285 30.10 -23.52 25.36
N THR A 1286 30.83 -23.54 24.25
CA THR A 1286 30.73 -22.40 23.34
C THR A 1286 29.47 -22.44 22.50
N TYR A 1287 28.74 -23.55 22.48
CA TYR A 1287 27.46 -23.56 21.82
C TYR A 1287 26.33 -23.06 22.70
N ALA A 1288 26.45 -23.23 24.01
CA ALA A 1288 25.39 -22.82 24.93
C ALA A 1288 25.19 -21.31 24.92
N LEU A 1289 26.22 -20.53 24.56
CA LEU A 1289 26.04 -19.08 24.44
C LEU A 1289 25.15 -18.75 23.24
N MET A 1290 25.33 -19.47 22.13
CA MET A 1290 24.54 -19.23 20.92
C MET A 1290 23.07 -19.58 21.11
N VAL A 1291 22.77 -20.63 21.91
CA VAL A 1291 21.42 -21.13 22.09
C VAL A 1291 20.49 -20.09 22.68
N SER A 1292 21.04 -19.18 23.48
CA SER A 1292 20.25 -18.07 23.99
C SER A 1292 19.82 -17.12 22.89
N ASN A 1293 20.51 -17.16 21.76
CA ASN A 1293 20.24 -16.29 20.63
C ASN A 1293 19.90 -17.08 19.38
N TYR A 1294 19.60 -18.37 19.53
CA TYR A 1294 18.85 -19.13 18.54
C TYR A 1294 17.38 -19.24 18.88
N LEU A 1295 17.06 -19.53 20.15
CA LEU A 1295 15.67 -19.67 20.59
C LEU A 1295 14.88 -18.41 20.37
N ASN A 1296 15.54 -17.26 20.46
CA ASN A 1296 14.91 -16.00 20.09
C ASN A 1296 14.46 -16.03 18.65
N TRP A 1297 15.40 -16.20 17.74
CA TRP A 1297 15.10 -16.02 16.33
C TRP A 1297 14.39 -17.21 15.70
N MET A 1298 14.39 -18.36 16.35
CA MET A 1298 13.49 -19.41 15.90
C MET A 1298 12.05 -18.98 16.09
N VAL A 1299 11.73 -18.42 17.26
CA VAL A 1299 10.38 -17.95 17.56
C VAL A 1299 10.04 -16.72 16.71
N ARG A 1300 11.02 -15.85 16.50
CA ARG A 1300 10.76 -14.61 15.79
C ARG A 1300 10.48 -14.87 14.32
N ASN A 1301 11.29 -15.71 13.68
CA ASN A 1301 10.98 -16.11 12.31
C ASN A 1301 9.70 -16.92 12.22
N LEU A 1302 9.42 -17.77 13.22
CA LEU A 1302 8.24 -18.64 13.19
C LEU A 1302 6.97 -17.81 13.15
N ALA A 1303 6.91 -16.76 13.96
CA ALA A 1303 5.78 -15.85 13.92
C ALA A 1303 5.71 -15.13 12.59
N ASP A 1304 6.84 -14.63 12.10
CA ASP A 1304 6.87 -13.89 10.85
C ASP A 1304 6.57 -14.77 9.66
N MET A 1305 7.12 -15.99 9.61
CA MET A 1305 6.76 -16.95 8.57
C MET A 1305 5.29 -17.29 8.59
N GLU A 1306 4.71 -17.45 9.79
CA GLU A 1306 3.29 -17.74 9.94
C GLU A 1306 2.44 -16.63 9.36
N ILE A 1307 2.82 -15.39 9.63
CA ILE A 1307 2.13 -14.23 9.10
C ILE A 1307 2.26 -14.18 7.59
N GLN A 1308 3.48 -14.43 7.10
CA GLN A 1308 3.73 -14.47 5.66
C GLN A 1308 3.06 -15.65 4.98
N LEU A 1309 2.98 -16.81 5.66
CA LEU A 1309 2.33 -17.97 5.04
C LEU A 1309 0.86 -17.73 4.77
N GLY A 1310 0.18 -17.01 5.65
CA GLY A 1310 -1.21 -16.59 5.47
C GLY A 1310 -1.48 -15.76 4.22
N ALA A 1311 -0.44 -15.25 3.57
CA ALA A 1311 -0.58 -14.60 2.28
C ALA A 1311 -0.56 -15.58 1.12
N VAL A 1312 -0.35 -16.87 1.38
CA VAL A 1312 -0.50 -17.87 0.34
C VAL A 1312 -1.90 -18.47 0.36
N LYS A 1313 -2.50 -18.58 1.54
CA LYS A 1313 -3.89 -19.05 1.63
C LYS A 1313 -4.87 -18.07 0.99
N ARG A 1314 -4.54 -16.78 1.01
CA ARG A 1314 -5.37 -15.79 0.33
C ARG A 1314 -5.36 -16.01 -1.18
N ILE A 1315 -4.19 -16.31 -1.74
CA ILE A 1315 -4.09 -16.53 -3.18
C ILE A 1315 -4.76 -17.83 -3.58
N HIS A 1316 -4.67 -18.87 -2.76
CA HIS A 1316 -5.36 -20.10 -3.09
C HIS A 1316 -6.87 -20.01 -2.89
N ALA A 1317 -7.34 -19.08 -2.07
CA ALA A 1317 -8.77 -18.85 -2.02
C ALA A 1317 -9.29 -18.20 -3.29
N LEU A 1318 -8.47 -17.36 -3.92
CA LEU A 1318 -8.81 -16.83 -5.23
C LEU A 1318 -8.75 -17.92 -6.28
N LEU A 1319 -7.85 -18.88 -6.14
CA LEU A 1319 -7.68 -19.89 -7.17
C LEU A 1319 -8.71 -21.00 -7.09
N LYS A 1320 -9.67 -20.92 -6.18
CA LYS A 1320 -10.78 -21.86 -6.11
C LYS A 1320 -12.09 -21.25 -6.60
N THR A 1321 -12.05 -20.03 -7.15
CA THR A 1321 -13.24 -19.32 -7.62
C THR A 1321 -13.20 -19.27 -9.13
N GLU A 1322 -14.01 -20.11 -9.78
CA GLU A 1322 -13.98 -20.23 -11.23
C GLU A 1322 -15.33 -20.72 -11.74
N ALA A 1323 -15.81 -20.10 -12.81
CA ALA A 1323 -17.09 -20.47 -13.43
C ALA A 1323 -17.07 -20.00 -14.88
N GLU A 1324 -18.26 -19.93 -15.49
CA GLU A 1324 -18.51 -19.35 -16.82
C GLU A 1324 -17.73 -20.09 -17.91
N SER A 1325 -18.12 -21.35 -18.12
CA SER A 1325 -17.46 -22.26 -19.05
C SER A 1325 -17.54 -21.76 -20.49
N TYR A 1326 -16.65 -22.29 -21.32
CA TYR A 1326 -16.47 -21.85 -22.71
C TYR A 1326 -16.86 -22.92 -23.71
N GLU A 1327 -17.65 -23.90 -23.29
CA GLU A 1327 -17.89 -25.09 -24.12
C GLU A 1327 -18.93 -24.81 -25.20
N GLY A 1328 -18.64 -25.28 -26.42
CA GLY A 1328 -19.62 -25.29 -27.48
C GLY A 1328 -20.11 -26.68 -27.77
N LEU A 1329 -21.32 -26.99 -27.32
CA LEU A 1329 -21.89 -28.34 -27.47
C LEU A 1329 -22.58 -28.50 -28.82
N LEU A 1330 -21.78 -28.36 -29.87
CA LEU A 1330 -22.23 -28.45 -31.25
C LEU A 1330 -21.15 -29.20 -32.03
N ALA A 1331 -21.19 -29.09 -33.36
CA ALA A 1331 -20.00 -29.45 -34.12
C ALA A 1331 -19.13 -28.20 -34.21
N PRO A 1332 -18.11 -28.08 -33.35
CA PRO A 1332 -17.68 -26.74 -32.87
C PRO A 1332 -17.01 -25.87 -33.90
N SER A 1333 -16.65 -26.40 -35.07
CA SER A 1333 -16.16 -25.58 -36.17
C SER A 1333 -16.94 -25.78 -37.46
N LEU A 1334 -17.59 -26.93 -37.63
CA LEU A 1334 -18.39 -27.21 -38.81
C LEU A 1334 -19.83 -26.78 -38.65
N ILE A 1335 -20.36 -26.79 -37.44
CA ILE A 1335 -21.74 -26.34 -37.27
C ILE A 1335 -21.83 -24.82 -37.30
N PRO A 1336 -20.96 -24.02 -36.64
CA PRO A 1336 -20.95 -22.59 -36.98
C PRO A 1336 -20.30 -22.38 -38.34
N LYS A 1337 -20.92 -21.51 -39.13
CA LYS A 1337 -20.41 -21.16 -40.44
C LYS A 1337 -19.40 -20.03 -40.28
N ASN A 1338 -19.05 -19.37 -41.40
CA ASN A 1338 -17.97 -18.40 -41.41
C ASN A 1338 -18.26 -17.19 -40.54
N TRP A 1339 -19.53 -16.79 -40.42
CA TRP A 1339 -19.94 -15.74 -39.49
C TRP A 1339 -21.42 -15.86 -39.19
N PRO A 1340 -21.82 -16.03 -37.93
CA PRO A 1340 -23.23 -15.82 -37.59
C PRO A 1340 -23.55 -14.34 -37.48
N ASP A 1341 -24.14 -13.79 -38.52
CA ASP A 1341 -24.53 -12.38 -38.58
C ASP A 1341 -25.86 -12.23 -39.28
N GLN A 1342 -26.81 -13.10 -38.96
CA GLN A 1342 -28.12 -13.03 -39.58
C GLN A 1342 -28.98 -11.96 -38.92
N GLY A 1343 -28.94 -11.88 -37.60
CA GLY A 1343 -29.69 -10.87 -36.88
C GLY A 1343 -31.06 -11.30 -36.43
N LYS A 1344 -31.28 -12.61 -36.25
CA LYS A 1344 -32.60 -13.20 -36.05
C LYS A 1344 -32.83 -13.56 -34.59
N ILE A 1345 -32.44 -12.68 -33.66
CA ILE A 1345 -32.38 -13.03 -32.25
C ILE A 1345 -33.78 -13.28 -31.69
N GLN A 1346 -34.13 -14.55 -31.56
CA GLN A 1346 -35.44 -14.96 -31.09
C GLN A 1346 -35.33 -15.46 -29.66
N ILE A 1347 -36.22 -15.00 -28.80
CA ILE A 1347 -36.28 -15.41 -27.41
C ILE A 1347 -37.49 -16.32 -27.26
N GLN A 1348 -37.31 -17.48 -26.63
CA GLN A 1348 -38.43 -18.39 -26.40
C GLN A 1348 -38.51 -18.62 -24.91
N ASN A 1349 -39.28 -17.77 -24.22
CA ASN A 1349 -39.68 -17.94 -22.82
C ASN A 1349 -38.47 -17.99 -21.89
N LEU A 1350 -37.46 -17.19 -22.16
CA LEU A 1350 -36.21 -17.25 -21.39
C LEU A 1350 -36.39 -16.60 -20.04
N SER A 1351 -36.06 -17.34 -18.97
CA SER A 1351 -36.22 -16.89 -17.60
C SER A 1351 -34.83 -16.70 -17.00
N VAL A 1352 -34.41 -15.45 -16.84
CA VAL A 1352 -33.01 -15.13 -16.57
C VAL A 1352 -32.92 -14.42 -15.22
N ARG A 1353 -31.76 -14.57 -14.56
CA ARG A 1353 -31.58 -14.07 -13.20
C ARG A 1353 -30.10 -13.97 -12.90
N TYR A 1354 -29.80 -13.36 -11.75
CA TYR A 1354 -28.46 -13.29 -11.19
C TYR A 1354 -28.37 -13.94 -9.81
N ASP A 1355 -29.38 -13.70 -8.97
CA ASP A 1355 -29.31 -14.12 -7.56
C ASP A 1355 -29.39 -15.62 -7.38
N SER A 1356 -29.90 -16.36 -8.37
CA SER A 1356 -29.93 -17.82 -8.46
C SER A 1356 -30.73 -18.51 -7.36
N SER A 1357 -31.40 -17.74 -6.49
CA SER A 1357 -32.04 -18.30 -5.32
C SER A 1357 -33.54 -18.06 -5.29
N LEU A 1358 -34.00 -16.80 -5.40
CA LEU A 1358 -35.42 -16.48 -5.39
C LEU A 1358 -35.83 -15.41 -6.38
N LYS A 1359 -34.89 -14.67 -6.97
CA LYS A 1359 -35.19 -13.41 -7.66
C LYS A 1359 -34.83 -13.48 -9.14
N PRO A 1360 -35.78 -13.76 -10.02
CA PRO A 1360 -35.57 -13.53 -11.44
C PRO A 1360 -35.76 -12.07 -11.81
N VAL A 1361 -35.15 -11.70 -12.93
CA VAL A 1361 -35.37 -10.38 -13.52
C VAL A 1361 -36.40 -10.44 -14.64
N LEU A 1362 -36.29 -11.42 -15.52
CA LEU A 1362 -37.18 -11.50 -16.66
C LEU A 1362 -37.90 -12.85 -16.65
N LYS A 1363 -39.14 -12.85 -17.11
CA LYS A 1363 -39.92 -14.07 -17.20
C LYS A 1363 -40.76 -14.02 -18.46
N HIS A 1364 -40.95 -15.20 -19.07
CA HIS A 1364 -41.93 -15.45 -20.13
C HIS A 1364 -41.70 -14.62 -21.39
N VAL A 1365 -40.50 -14.05 -21.57
CA VAL A 1365 -40.27 -13.06 -22.61
C VAL A 1365 -40.20 -13.76 -23.96
N ASN A 1366 -40.88 -13.18 -24.95
CA ASN A 1366 -40.83 -13.68 -26.31
C ASN A 1366 -40.65 -12.48 -27.23
N THR A 1367 -39.57 -12.49 -28.01
CA THR A 1367 -39.27 -11.41 -28.93
C THR A 1367 -38.39 -11.97 -30.03
N LEU A 1368 -38.78 -11.75 -31.28
CA LEU A 1368 -38.08 -12.30 -32.43
C LEU A 1368 -37.82 -11.16 -33.40
N ILE A 1369 -36.72 -10.45 -33.15
CA ILE A 1369 -36.28 -9.38 -34.05
C ILE A 1369 -35.72 -10.04 -35.31
N SER A 1370 -36.49 -9.95 -36.41
CA SER A 1370 -36.08 -10.47 -37.71
C SER A 1370 -34.85 -9.72 -38.23
N PRO A 1371 -34.13 -10.29 -39.25
CA PRO A 1371 -32.99 -9.57 -39.85
C PRO A 1371 -33.32 -8.18 -40.35
N GLY A 1372 -32.77 -7.18 -39.66
CA GLY A 1372 -33.05 -5.79 -39.95
C GLY A 1372 -34.03 -5.13 -39.02
N GLN A 1373 -34.73 -5.89 -38.17
CA GLN A 1373 -35.74 -5.32 -37.29
C GLN A 1373 -35.05 -4.58 -36.14
N LYS A 1374 -34.61 -3.35 -36.43
CA LYS A 1374 -33.78 -2.58 -35.53
C LYS A 1374 -34.59 -2.10 -34.34
N ILE A 1375 -34.87 -3.00 -33.41
CA ILE A 1375 -35.96 -2.84 -32.46
C ILE A 1375 -35.39 -2.37 -31.14
N GLY A 1376 -35.31 -1.05 -30.97
CA GLY A 1376 -34.86 -0.49 -29.71
C GLY A 1376 -35.86 -0.70 -28.59
N ILE A 1377 -35.54 -1.59 -27.65
CA ILE A 1377 -36.48 -2.03 -26.62
C ILE A 1377 -36.12 -1.36 -25.30
N CYS A 1378 -37.05 -0.58 -24.77
CA CYS A 1378 -36.91 0.05 -23.46
C CYS A 1378 -38.15 -0.21 -22.63
N GLY A 1379 -37.95 -0.33 -21.31
CA GLY A 1379 -39.02 -0.63 -20.39
C GLY A 1379 -38.81 0.09 -19.09
N ARG A 1380 -39.35 -0.46 -18.00
CA ARG A 1380 -39.40 0.26 -16.73
C ARG A 1380 -38.02 0.38 -16.11
N THR A 1381 -37.77 1.53 -15.46
CA THR A 1381 -36.41 2.02 -15.24
C THR A 1381 -35.65 1.24 -14.17
N GLY A 1382 -36.34 0.45 -13.36
CA GLY A 1382 -35.65 -0.39 -12.40
C GLY A 1382 -35.97 -1.85 -12.63
N SER A 1383 -36.68 -2.12 -13.72
CA SER A 1383 -37.22 -3.47 -13.92
C SER A 1383 -36.19 -4.43 -14.50
N GLY A 1384 -35.83 -4.24 -15.77
CA GLY A 1384 -35.06 -5.27 -16.44
C GLY A 1384 -34.10 -4.88 -17.55
N LYS A 1385 -33.85 -3.58 -17.74
CA LYS A 1385 -33.28 -3.12 -19.01
C LYS A 1385 -31.80 -3.47 -19.13
N SER A 1386 -31.02 -3.17 -18.09
CA SER A 1386 -29.59 -3.48 -18.10
C SER A 1386 -29.36 -4.97 -18.17
N SER A 1387 -30.19 -5.74 -17.46
CA SER A 1387 -30.13 -7.20 -17.48
C SER A 1387 -30.37 -7.76 -18.87
N PHE A 1388 -31.27 -7.15 -19.63
CA PHE A 1388 -31.58 -7.61 -20.98
C PHE A 1388 -30.37 -7.54 -21.91
N SER A 1389 -29.64 -6.43 -21.85
CA SER A 1389 -28.48 -6.23 -22.71
C SER A 1389 -27.33 -7.20 -22.40
N LEU A 1390 -26.98 -7.34 -21.12
CA LEU A 1390 -25.86 -8.22 -20.73
C LEU A 1390 -26.17 -9.69 -20.97
N ALA A 1391 -27.39 -10.13 -20.65
CA ALA A 1391 -27.77 -11.55 -20.76
C ALA A 1391 -27.65 -12.06 -22.19
N PHE A 1392 -27.85 -11.18 -23.17
CA PHE A 1392 -27.76 -11.55 -24.59
C PHE A 1392 -26.38 -12.10 -24.96
N PHE A 1393 -25.35 -11.78 -24.17
CA PHE A 1393 -23.99 -12.25 -24.37
C PHE A 1393 -23.67 -13.43 -23.47
N ARG A 1394 -24.69 -14.23 -23.12
CA ARG A 1394 -24.59 -15.47 -22.35
C ARG A 1394 -24.00 -15.27 -20.97
N MET A 1395 -24.14 -14.07 -20.42
CA MET A 1395 -23.50 -13.72 -19.16
C MET A 1395 -24.47 -13.70 -17.99
N VAL A 1396 -25.63 -14.37 -18.12
CA VAL A 1396 -26.60 -14.47 -17.03
C VAL A 1396 -27.43 -15.73 -17.25
N ASP A 1397 -28.00 -16.23 -16.16
CA ASP A 1397 -28.53 -17.60 -16.11
C ASP A 1397 -29.98 -17.64 -16.59
N MET A 1398 -30.14 -17.82 -17.89
CA MET A 1398 -31.49 -18.02 -18.44
C MET A 1398 -31.97 -19.41 -18.10
N PHE A 1399 -32.60 -19.58 -16.94
CA PHE A 1399 -32.82 -20.88 -16.32
C PHE A 1399 -33.82 -21.77 -17.04
N GLU A 1400 -34.37 -21.34 -18.18
CA GLU A 1400 -35.28 -22.17 -18.97
C GLU A 1400 -35.28 -21.67 -20.41
N GLY A 1401 -36.11 -22.30 -21.23
CA GLY A 1401 -36.43 -21.75 -22.52
C GLY A 1401 -35.38 -22.00 -23.58
N ARG A 1402 -35.28 -21.04 -24.51
CA ARG A 1402 -34.31 -21.08 -25.60
C ARG A 1402 -34.17 -19.67 -26.14
N ILE A 1403 -32.94 -19.27 -26.47
CA ILE A 1403 -32.67 -17.97 -27.08
C ILE A 1403 -31.80 -18.23 -28.31
N ILE A 1404 -32.43 -18.42 -29.47
CA ILE A 1404 -31.68 -18.71 -30.69
C ILE A 1404 -31.19 -17.40 -31.30
N ILE A 1405 -29.98 -17.43 -31.87
CA ILE A 1405 -29.43 -16.28 -32.58
C ILE A 1405 -28.79 -16.80 -33.86
N ASP A 1406 -29.30 -16.31 -35.00
CA ASP A 1406 -28.81 -16.62 -36.35
C ASP A 1406 -28.89 -18.11 -36.67
N GLY A 1407 -29.91 -18.79 -36.15
CA GLY A 1407 -30.10 -20.20 -36.41
C GLY A 1407 -29.35 -21.12 -35.47
N ILE A 1408 -28.53 -20.57 -34.58
CA ILE A 1408 -27.75 -21.35 -33.63
C ILE A 1408 -28.19 -20.95 -32.22
N ASP A 1409 -28.25 -21.93 -31.32
CA ASP A 1409 -28.57 -21.62 -29.94
C ASP A 1409 -27.43 -20.84 -29.30
N ILE A 1410 -27.76 -19.75 -28.62
CA ILE A 1410 -26.70 -18.92 -28.04
C ILE A 1410 -26.13 -19.51 -26.78
N ALA A 1411 -26.86 -20.41 -26.12
CA ALA A 1411 -26.32 -21.13 -24.97
C ALA A 1411 -25.36 -22.23 -25.38
N LYS A 1412 -25.35 -22.62 -26.65
CA LYS A 1412 -24.51 -23.72 -27.13
C LYS A 1412 -23.44 -23.21 -28.08
N LEU A 1413 -22.79 -22.11 -27.72
CA LEU A 1413 -21.66 -21.58 -28.45
C LEU A 1413 -20.54 -21.22 -27.48
N PRO A 1414 -19.28 -21.35 -27.89
CA PRO A 1414 -18.18 -20.92 -27.02
C PRO A 1414 -18.21 -19.43 -26.79
N LEU A 1415 -17.96 -19.04 -25.53
CA LEU A 1415 -18.09 -17.64 -25.11
C LEU A 1415 -17.16 -16.73 -25.89
N HIS A 1416 -15.96 -17.24 -26.23
CA HIS A 1416 -15.05 -16.47 -27.06
C HIS A 1416 -15.65 -16.22 -28.45
N THR A 1417 -16.32 -17.23 -29.01
CA THR A 1417 -16.94 -17.06 -30.33
C THR A 1417 -18.13 -16.09 -30.28
N LEU A 1418 -19.02 -16.29 -29.31
CA LEU A 1418 -20.18 -15.43 -29.11
C LEU A 1418 -19.80 -13.96 -28.89
N ARG A 1419 -19.03 -13.68 -27.84
CA ARG A 1419 -18.70 -12.31 -27.45
C ARG A 1419 -17.92 -11.55 -28.51
N SER A 1420 -17.10 -12.23 -29.31
CA SER A 1420 -16.39 -11.53 -30.38
C SER A 1420 -17.31 -11.09 -31.50
N ARG A 1421 -18.32 -11.92 -31.83
CA ARG A 1421 -19.12 -11.74 -33.04
C ARG A 1421 -20.40 -10.93 -32.81
N LEU A 1422 -20.45 -10.08 -31.79
CA LEU A 1422 -21.63 -9.25 -31.53
C LEU A 1422 -21.18 -8.06 -30.68
N SER A 1423 -21.14 -6.87 -31.26
CA SER A 1423 -20.52 -5.73 -30.59
C SER A 1423 -21.49 -5.06 -29.62
N ILE A 1424 -20.94 -4.17 -28.78
CA ILE A 1424 -21.71 -3.47 -27.77
C ILE A 1424 -21.11 -2.11 -27.51
N ILE A 1425 -21.84 -1.27 -26.80
CA ILE A 1425 -21.33 0.00 -26.28
C ILE A 1425 -22.05 0.31 -24.98
N LEU A 1426 -21.32 0.30 -23.86
CA LEU A 1426 -21.94 0.42 -22.55
C LEU A 1426 -22.23 1.87 -22.23
N GLN A 1427 -22.56 2.15 -20.96
CA GLN A 1427 -23.16 3.43 -20.59
C GLN A 1427 -22.14 4.57 -20.65
N ASP A 1428 -21.10 4.52 -19.82
CA ASP A 1428 -20.06 5.54 -19.83
C ASP A 1428 -18.73 4.91 -19.45
N PRO A 1429 -18.11 4.16 -20.35
CA PRO A 1429 -16.89 3.42 -20.00
C PRO A 1429 -15.67 4.32 -19.96
N VAL A 1430 -14.56 3.72 -19.55
CA VAL A 1430 -13.27 4.40 -19.48
C VAL A 1430 -12.35 3.78 -20.53
N LEU A 1431 -11.13 4.31 -20.66
CA LEU A 1431 -10.25 3.91 -21.73
C LEU A 1431 -9.02 3.17 -21.18
N PHE A 1432 -8.58 2.16 -21.92
CA PHE A 1432 -7.35 1.46 -21.60
C PHE A 1432 -6.17 2.25 -22.16
N SER A 1433 -5.14 2.42 -21.34
CA SER A 1433 -3.98 3.22 -21.71
C SER A 1433 -3.08 2.41 -22.64
N GLY A 1434 -2.83 2.95 -23.83
CA GLY A 1434 -2.03 2.27 -24.82
C GLY A 1434 -2.09 3.00 -26.14
N THR A 1435 -1.61 2.33 -27.19
CA THR A 1435 -1.66 2.91 -28.53
C THR A 1435 -3.10 2.97 -29.02
N ILE A 1436 -3.36 3.90 -29.93
CA ILE A 1436 -4.74 4.22 -30.28
C ILE A 1436 -5.37 3.14 -31.15
N ARG A 1437 -4.64 2.67 -32.17
CA ARG A 1437 -5.09 1.49 -32.91
C ARG A 1437 -5.16 0.27 -32.00
N PHE A 1438 -4.18 0.11 -31.11
CA PHE A 1438 -4.19 -0.98 -30.14
C PHE A 1438 -5.38 -0.87 -29.19
N ASN A 1439 -5.69 0.35 -28.72
CA ASN A 1439 -6.85 0.52 -27.86
C ASN A 1439 -8.13 0.22 -28.62
N LEU A 1440 -8.20 0.66 -29.88
CA LEU A 1440 -9.39 0.42 -30.70
C LEU A 1440 -9.54 -1.06 -31.03
N ASP A 1441 -8.44 -1.72 -31.38
CA ASP A 1441 -8.45 -3.15 -31.67
C ASP A 1441 -7.06 -3.72 -31.42
N PRO A 1442 -6.84 -4.42 -30.30
CA PRO A 1442 -5.49 -4.89 -29.99
C PRO A 1442 -5.08 -6.11 -30.79
N GLU A 1443 -6.03 -7.00 -31.08
CA GLU A 1443 -5.76 -8.23 -31.82
C GLU A 1443 -6.39 -8.18 -33.20
N LYS A 1444 -6.31 -7.02 -33.86
CA LYS A 1444 -7.08 -6.72 -35.05
C LYS A 1444 -6.77 -7.61 -36.24
N LYS A 1445 -5.55 -7.47 -36.78
CA LYS A 1445 -5.06 -8.19 -37.97
C LYS A 1445 -5.98 -8.05 -39.18
N CYS A 1446 -6.72 -6.94 -39.28
CA CYS A 1446 -7.58 -6.74 -40.44
C CYS A 1446 -6.90 -5.87 -41.50
N SER A 1447 -6.64 -4.61 -41.15
CA SER A 1447 -6.01 -3.60 -41.99
C SER A 1447 -5.86 -2.32 -41.17
N ASP A 1448 -5.02 -1.41 -41.68
CA ASP A 1448 -4.89 -0.07 -41.12
C ASP A 1448 -5.85 0.92 -41.77
N SER A 1449 -6.07 0.78 -43.09
CA SER A 1449 -7.05 1.59 -43.79
C SER A 1449 -8.45 1.39 -43.22
N THR A 1450 -8.78 0.13 -42.88
CA THR A 1450 -10.04 -0.18 -42.22
C THR A 1450 -10.17 0.54 -40.88
N LEU A 1451 -9.07 0.59 -40.12
CA LEU A 1451 -9.06 1.29 -38.83
C LEU A 1451 -9.30 2.78 -39.00
N TRP A 1452 -8.70 3.38 -40.03
CA TRP A 1452 -8.98 4.78 -40.32
C TRP A 1452 -10.43 5.01 -40.76
N GLU A 1453 -10.96 4.12 -41.60
CA GLU A 1453 -12.35 4.23 -42.03
C GLU A 1453 -13.31 4.07 -40.86
N ALA A 1454 -13.04 3.10 -39.99
CA ALA A 1454 -13.88 2.88 -38.82
C ALA A 1454 -13.81 4.04 -37.83
N LEU A 1455 -12.61 4.58 -37.58
CA LEU A 1455 -12.48 5.71 -36.67
C LEU A 1455 -13.14 6.96 -37.22
N GLU A 1456 -12.96 7.23 -38.51
CA GLU A 1456 -13.58 8.40 -39.14
C GLU A 1456 -15.10 8.30 -39.16
N ILE A 1457 -15.64 7.10 -39.41
CA ILE A 1457 -17.07 6.87 -39.52
C ILE A 1457 -17.87 7.23 -38.27
N ALA A 1458 -17.24 7.28 -37.10
CA ALA A 1458 -17.99 7.73 -35.93
C ALA A 1458 -17.85 9.24 -35.71
N GLN A 1459 -16.65 9.68 -35.35
CA GLN A 1459 -16.33 11.06 -35.04
C GLN A 1459 -14.82 11.13 -34.80
N LEU A 1460 -14.34 12.30 -34.37
CA LEU A 1460 -13.04 12.51 -33.76
C LEU A 1460 -11.85 12.18 -34.66
N LYS A 1461 -12.09 11.93 -35.96
CA LYS A 1461 -11.00 11.70 -36.91
C LYS A 1461 -10.10 12.91 -37.02
N LEU A 1462 -10.67 14.10 -36.88
CA LEU A 1462 -9.88 15.33 -36.83
C LEU A 1462 -8.94 15.31 -35.63
N VAL A 1463 -9.46 14.94 -34.46
CA VAL A 1463 -8.63 14.92 -33.26
C VAL A 1463 -7.70 13.70 -33.27
N VAL A 1464 -8.12 12.61 -33.92
CA VAL A 1464 -7.23 11.46 -34.08
C VAL A 1464 -6.08 11.80 -35.01
N LYS A 1465 -6.38 12.41 -36.17
CA LYS A 1465 -5.32 12.80 -37.10
C LYS A 1465 -4.42 13.89 -36.52
N ALA A 1466 -5.01 14.92 -35.91
CA ALA A 1466 -4.24 16.03 -35.38
C ALA A 1466 -3.78 15.81 -33.96
N LEU A 1467 -3.86 14.58 -33.45
CA LEU A 1467 -3.14 14.25 -32.24
C LEU A 1467 -1.64 14.23 -32.53
N PRO A 1468 -0.80 14.47 -31.51
CA PRO A 1468 0.65 14.34 -31.72
C PRO A 1468 1.13 12.92 -31.99
N GLY A 1469 0.33 11.89 -31.72
CA GLY A 1469 0.74 10.54 -32.05
C GLY A 1469 0.22 9.97 -33.35
N GLY A 1470 -1.09 10.00 -33.54
CA GLY A 1470 -1.71 9.36 -34.70
C GLY A 1470 -2.21 7.96 -34.34
N LEU A 1471 -1.86 6.98 -35.20
CA LEU A 1471 -2.33 5.61 -35.07
C LEU A 1471 -1.61 4.81 -33.98
N ASP A 1472 -0.51 5.33 -33.45
CA ASP A 1472 0.14 4.72 -32.29
C ASP A 1472 0.18 5.70 -31.12
N ALA A 1473 -0.83 6.55 -31.00
CA ALA A 1473 -0.86 7.56 -29.95
C ALA A 1473 -1.13 6.93 -28.59
N ILE A 1474 -0.27 7.23 -27.63
CA ILE A 1474 -0.39 6.62 -26.30
C ILE A 1474 -1.56 7.23 -25.56
N ILE A 1475 -2.56 6.40 -25.25
CA ILE A 1475 -3.72 6.85 -24.47
C ILE A 1475 -3.26 7.18 -23.06
N THR A 1476 -3.42 8.44 -22.67
CA THR A 1476 -2.76 8.99 -21.48
C THR A 1476 -3.53 8.66 -20.20
N GLU A 1477 -3.58 7.35 -19.89
CA GLU A 1477 -3.85 6.82 -18.55
C GLU A 1477 -5.27 7.14 -18.06
N GLY A 1478 -6.27 6.78 -18.85
CA GLY A 1478 -7.64 6.89 -18.39
C GLY A 1478 -8.58 7.50 -19.41
N GLY A 1479 -8.03 7.95 -20.53
CA GLY A 1479 -8.82 8.55 -21.59
C GLY A 1479 -9.20 9.98 -21.30
N GLU A 1480 -8.24 10.76 -20.80
CA GLU A 1480 -8.48 12.16 -20.43
C GLU A 1480 -8.29 13.12 -21.60
N ASN A 1481 -8.08 12.61 -22.81
CA ASN A 1481 -7.80 13.48 -23.93
C ASN A 1481 -8.56 13.16 -25.21
N PHE A 1482 -9.33 12.07 -25.27
CA PHE A 1482 -10.06 11.85 -26.51
C PHE A 1482 -11.50 12.32 -26.45
N SER A 1483 -12.38 11.57 -25.76
CA SER A 1483 -13.83 11.79 -25.78
C SER A 1483 -14.58 10.75 -24.95
N GLN A 1484 -15.90 10.92 -24.85
CA GLN A 1484 -16.80 9.81 -24.57
C GLN A 1484 -17.34 9.21 -25.86
N GLY A 1485 -17.35 10.00 -26.94
CA GLY A 1485 -17.66 9.49 -28.27
C GLY A 1485 -16.70 8.43 -28.76
N GLN A 1486 -15.43 8.52 -28.34
CA GLN A 1486 -14.40 7.56 -28.74
C GLN A 1486 -14.74 6.13 -28.33
N ARG A 1487 -15.44 5.94 -27.21
CA ARG A 1487 -15.92 4.61 -26.86
C ARG A 1487 -16.90 4.08 -27.90
N GLN A 1488 -17.80 4.95 -28.39
CA GLN A 1488 -18.66 4.57 -29.50
C GLN A 1488 -17.84 4.30 -30.76
N LEU A 1489 -16.80 5.10 -31.00
CA LEU A 1489 -15.89 4.86 -32.11
C LEU A 1489 -15.20 3.50 -31.99
N PHE A 1490 -14.74 3.17 -30.78
CA PHE A 1490 -14.16 1.86 -30.53
C PHE A 1490 -15.18 0.75 -30.76
N CYS A 1491 -16.41 0.96 -30.29
CA CYS A 1491 -17.48 0.01 -30.54
C CYS A 1491 -17.80 -0.12 -32.01
N LEU A 1492 -17.77 1.01 -32.73
CA LEU A 1492 -18.00 0.99 -34.18
C LEU A 1492 -16.89 0.25 -34.91
N ALA A 1493 -15.64 0.46 -34.48
CA ALA A 1493 -14.51 -0.24 -35.09
C ALA A 1493 -14.57 -1.73 -34.82
N ARG A 1494 -14.89 -2.12 -33.57
CA ARG A 1494 -15.05 -3.53 -33.23
C ARG A 1494 -16.21 -4.18 -33.99
N ALA A 1495 -17.30 -3.44 -34.19
CA ALA A 1495 -18.44 -3.97 -34.93
C ALA A 1495 -18.10 -4.20 -36.39
N PHE A 1496 -17.49 -3.19 -37.03
CA PHE A 1496 -17.15 -3.29 -38.44
C PHE A 1496 -16.08 -4.34 -38.70
N VAL A 1497 -15.02 -4.37 -37.86
CA VAL A 1497 -13.95 -5.35 -38.04
C VAL A 1497 -14.43 -6.77 -37.80
N ARG A 1498 -15.42 -6.97 -36.93
CA ARG A 1498 -15.90 -8.33 -36.68
C ARG A 1498 -16.81 -8.82 -37.80
N LYS A 1499 -17.25 -7.93 -38.69
CA LYS A 1499 -18.09 -8.24 -39.85
C LYS A 1499 -19.42 -8.87 -39.46
N THR A 1500 -19.93 -8.50 -38.29
CA THR A 1500 -21.25 -8.92 -37.84
C THR A 1500 -22.32 -7.98 -38.38
N SER A 1501 -23.58 -8.37 -38.19
CA SER A 1501 -24.70 -7.47 -38.39
C SER A 1501 -25.40 -7.12 -37.09
N ILE A 1502 -25.44 -8.05 -36.16
CA ILE A 1502 -26.11 -7.82 -34.88
C ILE A 1502 -25.26 -6.90 -34.03
N PHE A 1503 -25.92 -6.14 -33.17
CA PHE A 1503 -25.27 -5.32 -32.16
C PHE A 1503 -26.28 -5.07 -31.06
N ILE A 1504 -25.83 -5.14 -29.83
CA ILE A 1504 -26.65 -4.77 -28.68
C ILE A 1504 -26.01 -3.54 -28.08
N MET A 1505 -26.75 -2.45 -27.97
CA MET A 1505 -26.17 -1.19 -27.54
C MET A 1505 -26.89 -0.68 -26.31
N ASP A 1506 -26.11 -0.21 -25.34
CA ASP A 1506 -26.63 0.24 -24.06
C ASP A 1506 -26.81 1.76 -24.06
N GLU A 1507 -27.04 2.32 -22.87
CA GLU A 1507 -27.48 3.69 -22.70
C GLU A 1507 -26.31 4.67 -22.76
N ALA A 1508 -26.58 5.91 -22.35
CA ALA A 1508 -25.59 6.97 -22.20
C ALA A 1508 -25.91 7.73 -20.93
N THR A 1509 -24.87 8.04 -20.14
CA THR A 1509 -25.12 8.54 -18.78
C THR A 1509 -25.42 10.04 -18.76
N ALA A 1510 -24.43 10.86 -19.07
CA ALA A 1510 -24.56 12.32 -19.00
C ALA A 1510 -23.43 12.94 -19.79
N SER A 1511 -23.75 13.65 -20.86
CA SER A 1511 -22.75 14.25 -21.72
C SER A 1511 -23.38 15.41 -22.48
N ILE A 1512 -22.71 15.88 -23.53
CA ILE A 1512 -23.33 16.82 -24.45
C ILE A 1512 -24.41 16.07 -25.24
N ASP A 1513 -25.65 16.53 -25.10
CA ASP A 1513 -26.75 15.97 -25.87
C ASP A 1513 -26.58 16.21 -27.36
N MET A 1514 -25.92 17.33 -27.72
CA MET A 1514 -25.51 17.54 -29.11
C MET A 1514 -24.58 16.43 -29.57
N ALA A 1515 -23.62 16.04 -28.74
CA ALA A 1515 -22.77 14.90 -29.07
C ALA A 1515 -23.58 13.61 -29.04
N THR A 1516 -24.65 13.58 -28.26
CA THR A 1516 -25.47 12.38 -28.16
C THR A 1516 -26.39 12.28 -29.36
N GLU A 1517 -26.91 13.42 -29.82
CA GLU A 1517 -27.63 13.44 -31.09
C GLU A 1517 -26.68 13.12 -32.22
N ASN A 1518 -25.44 13.62 -32.13
CA ASN A 1518 -24.40 13.23 -33.08
C ASN A 1518 -24.14 11.73 -32.99
N ILE A 1519 -24.14 11.19 -31.76
CA ILE A 1519 -24.01 9.75 -31.57
C ILE A 1519 -25.23 9.02 -32.13
N LEU A 1520 -26.43 9.54 -31.83
CA LEU A 1520 -27.66 8.99 -32.39
C LEU A 1520 -27.64 9.05 -33.91
N GLN A 1521 -27.19 10.17 -34.48
CA GLN A 1521 -27.02 10.26 -35.92
C GLN A 1521 -25.96 9.28 -36.39
N LYS A 1522 -24.88 9.14 -35.62
CA LYS A 1522 -23.87 8.12 -35.90
C LYS A 1522 -24.47 6.73 -35.78
N VAL A 1523 -25.36 6.53 -34.80
CA VAL A 1523 -26.07 5.27 -34.67
C VAL A 1523 -26.94 5.04 -35.89
N VAL A 1524 -27.56 6.11 -36.40
CA VAL A 1524 -28.26 6.05 -37.67
C VAL A 1524 -27.29 5.74 -38.79
N MET A 1525 -26.10 6.36 -38.75
CA MET A 1525 -25.05 6.03 -39.70
C MET A 1525 -24.59 4.59 -39.50
N THR A 1526 -24.47 4.17 -38.22
CA THR A 1526 -24.18 2.77 -37.92
C THR A 1526 -25.30 1.87 -38.40
N ALA A 1527 -26.54 2.33 -38.28
CA ALA A 1527 -27.67 1.63 -38.89
C ALA A 1527 -27.54 1.59 -40.39
N PHE A 1528 -27.14 2.70 -41.00
CA PHE A 1528 -27.02 2.75 -42.46
C PHE A 1528 -25.77 2.04 -42.99
N ALA A 1529 -25.04 1.32 -42.15
CA ALA A 1529 -24.27 0.15 -42.55
C ALA A 1529 -24.89 -1.15 -42.09
N ASP A 1530 -25.28 -1.25 -40.82
CA ASP A 1530 -25.71 -2.52 -40.25
C ASP A 1530 -27.14 -2.88 -40.66
N ARG A 1531 -28.09 -1.99 -40.33
CA ARG A 1531 -29.55 -2.08 -40.42
C ARG A 1531 -30.19 -3.00 -39.39
N THR A 1532 -29.40 -3.70 -38.56
CA THR A 1532 -29.94 -4.49 -37.46
C THR A 1532 -29.22 -4.12 -36.18
N VAL A 1533 -29.98 -3.76 -35.14
CA VAL A 1533 -29.46 -3.38 -33.83
C VAL A 1533 -30.59 -3.50 -32.81
N VAL A 1534 -30.32 -4.12 -31.67
CA VAL A 1534 -31.34 -4.20 -30.63
C VAL A 1534 -30.87 -3.40 -29.42
N THR A 1535 -31.16 -2.11 -29.42
CA THR A 1535 -30.45 -1.16 -28.58
C THR A 1535 -31.37 -0.61 -27.50
N ILE A 1536 -31.05 -0.89 -26.24
CA ILE A 1536 -31.75 -0.31 -25.10
C ILE A 1536 -31.38 1.16 -24.95
N ALA A 1537 -32.12 1.89 -24.12
CA ALA A 1537 -31.84 3.30 -23.88
C ALA A 1537 -32.42 3.73 -22.54
N HIS A 1538 -31.71 4.61 -21.85
CA HIS A 1538 -32.16 5.08 -20.55
C HIS A 1538 -33.23 6.16 -20.69
N ARG A 1539 -32.94 7.21 -21.44
CA ARG A 1539 -33.94 8.22 -21.78
C ARG A 1539 -34.65 7.79 -23.06
N VAL A 1540 -35.98 7.70 -23.00
CA VAL A 1540 -36.73 7.11 -24.11
C VAL A 1540 -36.89 8.03 -25.31
N HIS A 1541 -36.51 9.31 -25.17
CA HIS A 1541 -36.75 10.26 -26.26
C HIS A 1541 -35.78 10.05 -27.42
N THR A 1542 -34.61 9.46 -27.16
CA THR A 1542 -33.80 8.96 -28.26
C THR A 1542 -34.33 7.63 -28.77
N ILE A 1543 -35.02 6.87 -27.90
CA ILE A 1543 -35.56 5.57 -28.28
C ILE A 1543 -36.91 5.67 -28.96
N LEU A 1544 -37.41 6.87 -29.20
CA LEU A 1544 -38.67 7.04 -29.90
C LEU A 1544 -38.54 6.91 -31.41
N SER A 1545 -37.31 6.82 -31.92
CA SER A 1545 -37.07 6.55 -33.34
C SER A 1545 -36.67 5.08 -33.48
N ALA A 1546 -37.68 4.21 -33.51
CA ALA A 1546 -37.47 2.77 -33.48
C ALA A 1546 -38.20 2.14 -34.66
N ASP A 1547 -38.09 0.80 -34.75
CA ASP A 1547 -38.79 0.03 -35.77
C ASP A 1547 -39.65 -1.08 -35.19
N LEU A 1548 -39.49 -1.40 -33.91
CA LEU A 1548 -40.39 -2.19 -33.10
C LEU A 1548 -39.99 -1.92 -31.67
N VAL A 1549 -40.93 -2.03 -30.74
CA VAL A 1549 -40.62 -1.63 -29.37
C VAL A 1549 -41.25 -2.61 -28.39
N MET A 1550 -40.44 -3.06 -27.44
CA MET A 1550 -40.88 -3.93 -26.36
C MET A 1550 -40.76 -3.17 -25.05
N VAL A 1551 -41.88 -2.98 -24.38
CA VAL A 1551 -41.92 -2.23 -23.13
C VAL A 1551 -42.06 -3.23 -22.01
N LEU A 1552 -41.15 -3.16 -21.05
CA LEU A 1552 -41.08 -4.13 -19.95
C LEU A 1552 -41.40 -3.44 -18.64
N LYS A 1553 -42.28 -4.02 -17.82
CA LYS A 1553 -42.65 -3.38 -16.56
C LYS A 1553 -42.44 -4.33 -15.40
N ARG A 1554 -41.75 -3.84 -14.37
CA ARG A 1554 -41.54 -4.48 -13.07
C ARG A 1554 -40.76 -5.79 -13.15
N GLY A 1555 -40.24 -6.17 -14.30
CA GLY A 1555 -39.67 -7.49 -14.46
C GLY A 1555 -40.57 -8.50 -15.13
N ALA A 1556 -41.14 -8.10 -16.27
CA ALA A 1556 -41.98 -8.93 -17.14
C ALA A 1556 -42.12 -8.14 -18.43
N ILE A 1557 -42.76 -8.74 -19.44
CA ILE A 1557 -43.03 -8.07 -20.70
C ILE A 1557 -44.36 -7.33 -20.59
N LEU A 1558 -44.32 -5.99 -20.62
CA LEU A 1558 -45.54 -5.20 -20.52
C LEU A 1558 -46.16 -4.83 -21.86
N GLU A 1559 -45.35 -4.60 -22.88
CA GLU A 1559 -45.88 -4.28 -24.19
C GLU A 1559 -44.89 -4.75 -25.22
N PHE A 1560 -45.38 -5.03 -26.43
CA PHE A 1560 -44.53 -5.37 -27.56
C PHE A 1560 -45.16 -4.73 -28.79
N ASP A 1561 -44.76 -3.49 -29.04
CA ASP A 1561 -45.37 -2.67 -30.10
C ASP A 1561 -44.53 -2.83 -31.36
N LYS A 1562 -45.10 -3.51 -32.36
CA LYS A 1562 -44.36 -3.81 -33.57
C LYS A 1562 -44.06 -2.56 -34.42
N PRO A 1563 -44.91 -1.54 -34.47
CA PRO A 1563 -44.37 -0.22 -34.83
C PRO A 1563 -44.06 0.58 -33.58
N GLU A 1564 -43.37 1.69 -33.79
CA GLU A 1564 -43.04 2.60 -32.70
C GLU A 1564 -43.96 3.81 -32.66
N THR A 1565 -44.86 3.95 -33.64
CA THR A 1565 -45.79 5.07 -33.71
C THR A 1565 -47.12 4.78 -33.03
N LEU A 1566 -47.58 3.52 -33.12
CA LEU A 1566 -48.75 3.07 -32.36
C LEU A 1566 -48.56 3.23 -30.86
N LEU A 1567 -47.30 3.18 -30.40
CA LEU A 1567 -46.96 3.41 -29.00
C LEU A 1567 -47.43 4.76 -28.49
N SER A 1568 -47.42 5.78 -29.36
CA SER A 1568 -47.98 7.07 -28.95
C SER A 1568 -49.50 7.00 -28.81
N GLN A 1569 -50.16 6.24 -29.69
CA GLN A 1569 -51.60 6.00 -29.56
C GLN A 1569 -51.92 5.16 -28.33
N LYS A 1570 -51.24 4.05 -28.15
CA LYS A 1570 -51.57 3.10 -27.09
C LYS A 1570 -51.06 3.60 -25.75
N ASP A 1571 -51.88 3.42 -24.71
CA ASP A 1571 -51.77 4.24 -23.51
C ASP A 1571 -50.57 3.86 -22.64
N SER A 1572 -50.38 2.56 -22.40
CA SER A 1572 -49.26 2.07 -21.58
C SER A 1572 -47.90 2.50 -22.12
N VAL A 1573 -47.72 2.46 -23.44
CA VAL A 1573 -46.45 2.83 -24.06
C VAL A 1573 -46.27 4.34 -24.12
N PHE A 1574 -47.33 5.09 -24.41
CA PHE A 1574 -47.26 6.54 -24.39
C PHE A 1574 -47.00 7.06 -22.98
N ALA A 1575 -47.55 6.39 -21.96
CA ALA A 1575 -47.28 6.78 -20.58
C ALA A 1575 -45.81 6.64 -20.24
N SER A 1576 -45.15 5.61 -20.78
CA SER A 1576 -43.71 5.52 -20.66
C SER A 1576 -43.01 6.48 -21.60
N PHE A 1577 -43.66 6.87 -22.69
CA PHE A 1577 -43.09 7.84 -23.61
C PHE A 1577 -43.14 9.28 -23.08
N VAL A 1578 -44.15 9.63 -22.30
CA VAL A 1578 -44.27 10.99 -21.79
C VAL A 1578 -43.54 11.12 -20.47
N MET B 1 22.25 -10.30 13.61
CA MET B 1 20.94 -10.66 13.11
C MET B 1 21.04 -11.84 12.20
N LEU B 2 21.10 -13.03 12.79
CA LEU B 2 21.08 -14.25 12.00
C LEU B 2 19.75 -14.40 11.27
N SER B 3 18.65 -14.09 11.94
CA SER B 3 17.38 -13.95 11.23
C SER B 3 17.31 -12.59 10.56
N ARG B 4 16.77 -12.57 9.34
CA ARG B 4 16.74 -11.35 8.53
C ARG B 4 15.32 -10.83 8.50
N LYS B 5 15.07 -9.83 9.33
CA LYS B 5 13.95 -8.93 9.21
C LYS B 5 14.61 -7.57 9.40
N GLY B 6 15.76 -7.46 8.75
CA GLY B 6 16.75 -6.46 9.06
C GLY B 6 16.33 -5.05 8.71
N ILE B 7 17.19 -4.12 9.11
CA ILE B 7 16.97 -2.71 8.81
C ILE B 7 17.53 -2.43 7.42
N ILE B 8 16.79 -2.87 6.41
CA ILE B 8 17.03 -2.52 5.02
C ILE B 8 15.66 -2.41 4.39
N PRO B 9 14.69 -1.81 5.07
CA PRO B 9 13.30 -1.92 4.63
C PRO B 9 12.97 -1.05 3.43
N GLU B 10 12.25 -1.63 2.48
CA GLU B 10 11.52 -0.82 1.51
C GLU B 10 10.21 -0.42 2.17
N GLU B 11 10.10 0.86 2.52
CA GLU B 11 8.98 1.29 3.34
C GLU B 11 7.68 1.38 2.57
N TYR B 12 7.73 1.77 1.30
CA TYR B 12 6.53 2.18 0.57
C TYR B 12 5.92 1.02 -0.20
N VAL B 13 4.65 0.74 0.08
CA VAL B 13 3.83 -0.24 -0.62
C VAL B 13 2.39 0.24 -0.57
N LEU B 14 1.60 -0.18 -1.55
CA LEU B 14 0.21 0.27 -1.64
C LEU B 14 -0.73 -0.91 -1.49
N THR B 15 -1.64 -0.81 -0.52
CA THR B 15 -2.66 -1.82 -0.29
C THR B 15 -4.02 -1.15 -0.20
N ARG B 16 -4.95 -1.59 -1.04
CA ARG B 16 -6.30 -1.03 -1.05
C ARG B 16 -7.09 -1.55 0.13
N LEU B 17 -8.27 -0.96 0.32
CA LEU B 17 -9.15 -1.30 1.44
C LEU B 17 -9.57 -2.77 1.41
N ALA B 18 -9.52 -3.40 2.58
CA ALA B 18 -9.91 -4.80 2.71
C ALA B 18 -11.40 -4.97 2.51
N GLU B 19 -11.78 -6.10 1.90
CA GLU B 19 -13.16 -6.46 1.56
C GLU B 19 -13.90 -5.39 0.75
C9 BJX C . 20.86 -3.87 12.25
C10 BJX C . 18.15 -7.87 14.65
C11 BJX C . 17.33 -5.60 13.38
C12 BJX C . 22.30 -3.45 12.06
C13 BJX C . 20.48 -4.98 11.27
C14 BJX C . 16.99 -7.86 13.92
C15 BJX C . 16.56 -6.73 13.29
C16 BJX C . 19.26 -2.94 16.42
C17 BJX C . 18.27 -2.38 17.44
C18 BJX C . 17.02 -3.28 17.48
C19 BJX C . 15.78 -2.84 17.06
C20 BJX C . 17.17 -4.57 17.93
C8 BJX C . 20.65 -4.25 13.71
C7 BJX C . 18.50 -5.60 14.10
C6 BJX C . 18.95 -6.75 14.77
C5 BJX C . 19.16 -4.23 14.05
C4 BJX C . 22.46 -7.17 17.32
C3 BJX C . 22.11 -8.26 16.35
C2 BJX C . 21.73 -5.89 17.13
C1 BJX C . 20.68 -8.24 15.82
O1 BJX C . 13.41 -3.36 16.71
O2 BJX C . 13.60 -6.92 16.85
N BJX C . 20.18 -6.86 15.57
C BJX C . 20.25 -6.17 16.87
O BJX C . 20.43 -2.89 16.60
C21 BJX C . 14.70 -3.71 17.09
C22 BJX C . 16.09 -5.43 17.97
C23 BJX C . 14.86 -5.00 17.55
C24 BJX C . 13.64 -5.91 17.59
C25 BJX C . 13.24 -2.79 15.46
C26 BJX C . 11.76 -2.48 15.33
N1 BJX C . 18.66 -3.55 15.26
O3 BJX C . 12.69 -5.66 18.35
PG ATP D . -11.62 28.25 -13.65
O1G ATP D . -11.29 28.59 -15.06
O2G ATP D . -12.99 27.64 -13.43
O3G ATP D . -10.47 27.61 -12.92
PB ATP D . -12.44 30.91 -13.63
O1B ATP D . -12.30 30.77 -15.11
O2B ATP D . -13.79 31.18 -13.01
O3B ATP D . -11.74 29.66 -12.90
PA ATP D . -9.88 31.78 -13.44
O1A ATP D . -9.29 33.13 -13.69
O2A ATP D . -9.73 30.73 -14.50
O3A ATP D . -11.43 32.01 -13.10
O5' ATP D . -9.27 31.10 -12.11
C5' ATP D . -7.94 31.34 -11.64
C4' ATP D . -6.88 31.24 -12.73
O4' ATP D . -5.60 31.50 -12.14
C3' ATP D . -6.80 29.88 -13.39
O3' ATP D . -7.13 30.04 -14.77
C2' ATP D . -5.38 29.41 -13.24
O2' ATP D . -4.79 29.41 -14.54
C1' ATP D . -4.69 30.44 -12.39
N9 ATP D . -4.35 29.79 -11.11
C8 ATP D . -5.18 29.12 -10.31
N7 ATP D . -4.54 28.66 -9.21
C5 ATP D . -3.26 29.06 -9.31
C6 ATP D . -2.05 28.93 -8.52
N6 ATP D . -2.04 28.25 -7.34
N1 ATP D . -0.92 29.50 -8.99
C2 ATP D . -0.89 30.17 -10.15
N3 ATP D . -1.98 30.33 -10.93
C4 ATP D . -3.15 29.81 -10.56
#